data_2K2Z
#
_entry.id   2K2Z
#
_entity_poly.entity_id   1
_entity_poly.type   'polypeptide(L)'
_entity_poly.pdbx_seq_one_letter_code
;LTGCKGKGGECNPLDRQCKELQAESASCGKGQKCCVWLH
;
_entity_poly.pdbx_strand_id   A
#
# COMPACT_ATOMS: atom_id res chain seq x y z
N LEU A 1 2.17 -4.72 -12.24
CA LEU A 1 2.11 -6.12 -11.78
C LEU A 1 1.82 -6.20 -10.29
N THR A 2 2.81 -5.87 -9.45
CA THR A 2 2.77 -6.02 -7.99
C THR A 2 2.57 -4.64 -7.35
N GLY A 3 1.73 -4.59 -6.31
CA GLY A 3 1.44 -3.35 -5.57
C GLY A 3 2.30 -3.16 -4.31
N CYS A 4 3.20 -4.12 -4.00
CA CYS A 4 4.19 -4.08 -2.93
C CYS A 4 5.55 -4.61 -3.43
N LYS A 5 6.55 -4.66 -2.54
CA LYS A 5 7.88 -5.19 -2.80
C LYS A 5 7.98 -6.66 -2.38
N GLY A 6 7.89 -6.97 -1.07
CA GLY A 6 8.03 -8.33 -0.56
C GLY A 6 7.61 -8.44 0.90
N LYS A 7 8.42 -7.91 1.84
CA LYS A 7 8.11 -7.87 3.27
C LYS A 7 6.86 -7.02 3.57
N GLY A 8 6.49 -6.08 2.68
CA GLY A 8 5.25 -5.33 2.74
C GLY A 8 5.23 -4.06 1.91
N GLY A 9 6.36 -3.63 1.31
CA GLY A 9 6.47 -2.33 0.63
C GLY A 9 6.45 -1.20 1.64
N GLU A 10 5.62 -0.18 1.40
CA GLU A 10 5.40 0.96 2.28
C GLU A 10 3.91 1.27 2.42
N CYS A 11 3.48 1.46 3.67
CA CYS A 11 2.11 1.83 4.05
C CYS A 11 1.90 3.34 3.88
N ASN A 12 0.80 3.69 3.21
CA ASN A 12 0.37 5.04 2.85
C ASN A 12 -1.12 5.25 3.18
N PRO A 13 -1.59 6.50 3.29
CA PRO A 13 -3.01 6.80 3.44
C PRO A 13 -3.80 6.42 2.18
N LEU A 14 -5.10 6.20 2.35
CA LEU A 14 -6.03 5.82 1.29
C LEU A 14 -6.19 6.96 0.27
N ASP A 15 -6.22 8.21 0.76
CA ASP A 15 -6.23 9.42 -0.05
C ASP A 15 -4.79 9.82 -0.45
N ARG A 16 -4.13 8.96 -1.22
CA ARG A 16 -2.79 9.17 -1.78
C ARG A 16 -2.77 8.83 -3.27
N GLN A 17 -1.86 9.48 -4.01
CA GLN A 17 -1.59 9.17 -5.42
C GLN A 17 -0.52 8.06 -5.51
N CYS A 18 -0.93 6.83 -5.21
CA CYS A 18 -0.17 5.61 -5.45
C CYS A 18 -1.10 4.39 -5.50
N LYS A 19 -0.52 3.23 -5.87
CA LYS A 19 -1.22 1.95 -6.08
C LYS A 19 -1.98 1.48 -4.82
N GLU A 20 -2.83 0.44 -4.96
CA GLU A 20 -3.62 -0.10 -3.86
C GLU A 20 -3.94 -1.58 -4.08
N LEU A 21 -4.07 -2.31 -2.97
CA LEU A 21 -4.40 -3.73 -2.90
C LEU A 21 -5.48 -3.96 -1.83
N GLN A 22 -5.95 -5.21 -1.75
CA GLN A 22 -6.94 -5.67 -0.77
C GLN A 22 -6.37 -6.77 0.15
N ALA A 23 -5.49 -7.62 -0.39
CA ALA A 23 -4.82 -8.68 0.35
C ALA A 23 -3.64 -8.18 1.18
N GLU A 24 -2.95 -7.12 0.74
CA GLU A 24 -1.76 -6.57 1.39
C GLU A 24 -2.02 -5.26 2.13
N SER A 25 -3.18 -4.61 1.93
CA SER A 25 -3.60 -3.48 2.75
C SER A 25 -3.87 -3.88 4.21
N ALA A 26 -4.15 -5.17 4.46
CA ALA A 26 -4.30 -5.77 5.78
C ALA A 26 -2.98 -5.85 6.57
N SER A 27 -1.83 -5.79 5.89
CA SER A 27 -0.50 -5.72 6.50
C SER A 27 -0.32 -4.38 7.23
N CYS A 28 -0.81 -3.29 6.63
CA CYS A 28 -0.88 -1.96 7.23
C CYS A 28 -2.00 -1.85 8.27
N GLY A 29 -3.00 -2.73 8.22
CA GLY A 29 -4.11 -2.82 9.15
C GLY A 29 -5.39 -2.22 8.56
N LYS A 30 -6.09 -1.43 9.37
CA LYS A 30 -7.35 -0.76 9.05
C LYS A 30 -7.11 0.75 9.00
N GLY A 31 -7.19 1.33 7.79
CA GLY A 31 -7.06 2.77 7.54
C GLY A 31 -5.92 3.15 6.59
N GLN A 32 -5.14 2.18 6.10
CA GLN A 32 -4.03 2.38 5.17
C GLN A 32 -3.99 1.26 4.11
N LYS A 33 -3.14 1.46 3.09
CA LYS A 33 -2.92 0.52 2.00
C LYS A 33 -1.45 0.51 1.56
N CYS A 34 -1.08 -0.50 0.76
CA CYS A 34 0.26 -0.68 0.22
C CYS A 34 0.42 0.13 -1.07
N CYS A 35 1.63 0.68 -1.28
CA CYS A 35 1.98 1.46 -2.45
C CYS A 35 3.38 1.08 -2.99
N VAL A 36 3.69 1.64 -4.17
CA VAL A 36 4.94 1.46 -4.92
C VAL A 36 5.62 2.81 -5.18
N TRP A 37 6.73 2.77 -5.91
CA TRP A 37 7.59 3.91 -6.21
C TRP A 37 8.01 3.97 -7.70
N LEU A 38 7.92 2.85 -8.44
CA LEU A 38 8.21 2.78 -9.87
C LEU A 38 7.08 3.40 -10.73
N HIS A 39 7.33 3.52 -12.03
CA HIS A 39 6.46 4.19 -13.00
C HIS A 39 6.02 3.21 -14.11
N LEU A 1 4.53 -5.78 -12.87
CA LEU A 1 4.31 -5.13 -11.57
C LEU A 1 2.82 -5.11 -11.22
N THR A 2 2.51 -5.51 -9.98
CA THR A 2 1.17 -5.48 -9.39
C THR A 2 1.13 -4.42 -8.28
N GLY A 3 1.90 -4.62 -7.22
CA GLY A 3 1.92 -3.80 -6.02
C GLY A 3 3.21 -3.96 -5.22
N CYS A 4 3.10 -3.74 -3.91
CA CYS A 4 4.17 -3.85 -2.92
C CYS A 4 4.52 -5.31 -2.61
N LYS A 5 5.50 -5.50 -1.70
CA LYS A 5 6.03 -6.79 -1.26
C LYS A 5 5.74 -7.11 0.21
N GLY A 6 5.22 -6.13 0.99
CA GLY A 6 4.78 -6.31 2.38
C GLY A 6 5.62 -5.47 3.35
N LYS A 7 6.95 -5.50 3.19
CA LYS A 7 7.90 -4.68 3.94
C LYS A 7 8.58 -3.65 3.04
N GLY A 8 8.75 -3.98 1.75
CA GLY A 8 9.33 -3.11 0.72
C GLY A 8 8.38 -2.05 0.17
N GLY A 9 7.17 -1.90 0.75
CA GLY A 9 6.17 -0.92 0.35
C GLY A 9 5.95 0.16 1.41
N GLU A 10 5.39 1.29 0.97
CA GLU A 10 5.03 2.44 1.81
C GLU A 10 3.67 2.21 2.48
N CYS A 11 3.36 3.02 3.50
CA CYS A 11 2.05 3.09 4.14
C CYS A 11 1.66 4.55 4.27
N ASN A 12 0.63 4.93 3.50
CA ASN A 12 0.12 6.29 3.34
C ASN A 12 -1.41 6.30 3.45
N PRO A 13 -2.03 7.45 3.79
CA PRO A 13 -3.49 7.56 3.86
C PRO A 13 -4.13 7.44 2.47
N LEU A 14 -5.41 7.06 2.49
CA LEU A 14 -6.26 6.92 1.31
C LEU A 14 -6.47 8.27 0.60
N ASP A 15 -6.37 9.37 1.35
CA ASP A 15 -6.43 10.76 0.90
C ASP A 15 -5.33 11.13 -0.12
N ARG A 16 -4.19 10.42 -0.14
CA ARG A 16 -3.12 10.65 -1.11
C ARG A 16 -3.54 10.14 -2.49
N GLN A 17 -3.04 10.75 -3.57
CA GLN A 17 -3.14 10.22 -4.91
C GLN A 17 -2.06 9.14 -5.11
N CYS A 18 -2.47 7.88 -4.98
CA CYS A 18 -1.66 6.68 -5.17
C CYS A 18 -2.53 5.52 -5.65
N LYS A 19 -1.87 4.46 -6.13
CA LYS A 19 -2.47 3.17 -6.44
C LYS A 19 -2.97 2.53 -5.14
N GLU A 20 -4.10 1.81 -5.21
CA GLU A 20 -4.76 1.20 -4.06
C GLU A 20 -5.00 -0.28 -4.35
N LEU A 21 -4.11 -1.11 -3.81
CA LEU A 21 -4.11 -2.57 -3.93
C LEU A 21 -5.26 -3.20 -3.14
N GLN A 22 -5.52 -4.50 -3.38
CA GLN A 22 -6.67 -5.21 -2.82
C GLN A 22 -6.30 -6.26 -1.77
N ALA A 23 -5.09 -6.84 -1.89
CA ALA A 23 -4.52 -7.80 -0.97
C ALA A 23 -3.18 -7.29 -0.38
N GLU A 24 -2.81 -6.04 -0.67
CA GLU A 24 -1.57 -5.39 -0.24
C GLU A 24 -1.82 -4.06 0.48
N SER A 25 -3.02 -3.47 0.32
CA SER A 25 -3.48 -2.33 1.12
C SER A 25 -3.64 -2.74 2.60
N ALA A 26 -4.16 -3.95 2.85
CA ALA A 26 -4.35 -4.53 4.17
C ALA A 26 -3.04 -4.83 4.92
N SER A 27 -1.90 -4.90 4.20
CA SER A 27 -0.58 -5.14 4.79
C SER A 27 -0.13 -3.98 5.71
N CYS A 28 -0.60 -2.75 5.43
CA CYS A 28 -0.41 -1.58 6.28
C CYS A 28 -1.37 -1.61 7.47
N GLY A 29 -2.67 -1.79 7.20
CA GLY A 29 -3.74 -1.77 8.18
C GLY A 29 -4.98 -1.03 7.67
N LYS A 30 -6.05 -1.03 8.48
CA LYS A 30 -7.30 -0.31 8.18
C LYS A 30 -7.05 1.20 8.17
N GLY A 31 -7.57 1.89 7.14
CA GLY A 31 -7.41 3.33 6.95
C GLY A 31 -6.13 3.73 6.20
N GLN A 32 -5.28 2.77 5.81
CA GLN A 32 -4.07 2.99 4.99
C GLN A 32 -4.10 2.09 3.75
N LYS A 33 -3.23 2.41 2.79
CA LYS A 33 -2.99 1.66 1.56
C LYS A 33 -1.50 1.61 1.22
N CYS A 34 -1.14 0.89 0.15
CA CYS A 34 0.23 0.68 -0.29
C CYS A 34 0.43 1.21 -1.71
N CYS A 35 1.17 2.33 -1.81
CA CYS A 35 1.47 3.03 -3.05
C CYS A 35 2.59 2.33 -3.84
N VAL A 36 2.78 2.72 -5.11
CA VAL A 36 3.90 2.33 -5.96
C VAL A 36 4.52 3.58 -6.60
N TRP A 37 5.84 3.53 -6.79
CA TRP A 37 6.62 4.53 -7.51
C TRP A 37 6.44 4.45 -9.04
N LEU A 38 5.87 3.34 -9.54
CA LEU A 38 5.59 3.02 -10.94
C LEU A 38 6.74 3.43 -11.87
N HIS A 39 7.85 2.68 -11.79
CA HIS A 39 9.07 2.89 -12.56
C HIS A 39 9.01 2.25 -13.96
N LEU A 1 5.00 -14.09 -0.60
CA LEU A 1 4.12 -14.32 -1.77
C LEU A 1 3.60 -13.03 -2.39
N THR A 2 3.30 -12.00 -1.56
CA THR A 2 2.76 -10.71 -1.96
C THR A 2 3.79 -9.59 -1.70
N GLY A 3 3.56 -8.39 -2.24
CA GLY A 3 4.50 -7.28 -2.13
C GLY A 3 4.01 -6.00 -2.82
N CYS A 4 3.64 -5.00 -2.01
CA CYS A 4 3.24 -3.65 -2.41
C CYS A 4 4.29 -2.97 -3.30
N LYS A 5 5.59 -3.04 -2.94
CA LYS A 5 6.71 -2.53 -3.74
C LYS A 5 7.86 -3.54 -3.86
N GLY A 6 8.13 -4.37 -2.85
CA GLY A 6 9.17 -5.40 -2.88
C GLY A 6 9.84 -5.72 -1.53
N LYS A 7 9.44 -5.06 -0.42
CA LYS A 7 9.98 -5.27 0.92
C LYS A 7 8.86 -5.66 1.89
N GLY A 8 7.81 -4.83 1.97
CA GLY A 8 6.58 -5.09 2.71
C GLY A 8 5.51 -4.06 2.35
N GLY A 9 5.87 -2.78 2.41
CA GLY A 9 5.00 -1.63 2.15
C GLY A 9 5.04 -0.62 3.30
N GLU A 10 4.16 0.38 3.23
CA GLU A 10 3.88 1.31 4.32
C GLU A 10 2.36 1.52 4.44
N CYS A 11 1.94 2.14 5.55
CA CYS A 11 0.56 2.29 5.97
C CYS A 11 0.22 3.78 6.12
N ASN A 12 0.25 4.50 4.98
CA ASN A 12 -0.06 5.92 4.89
C ASN A 12 -1.57 6.17 5.05
N PRO A 13 -1.98 7.38 5.47
CA PRO A 13 -3.38 7.79 5.54
C PRO A 13 -3.94 8.01 4.13
N LEU A 14 -5.26 7.92 3.99
CA LEU A 14 -5.99 8.12 2.73
C LEU A 14 -5.81 9.52 2.18
N ASP A 15 -5.71 10.52 3.07
CA ASP A 15 -5.48 11.93 2.75
C ASP A 15 -4.14 12.20 2.05
N ARG A 16 -3.20 11.24 2.05
CA ARG A 16 -1.94 11.32 1.31
C ARG A 16 -2.21 11.30 -0.19
N GLN A 17 -1.54 12.21 -0.94
CA GLN A 17 -1.52 12.20 -2.40
C GLN A 17 -0.63 11.05 -2.89
N CYS A 18 -1.24 9.87 -3.02
CA CYS A 18 -0.65 8.64 -3.51
C CYS A 18 -1.73 7.68 -4.02
N LYS A 19 -1.30 6.57 -4.62
CA LYS A 19 -2.15 5.49 -5.11
C LYS A 19 -2.78 4.71 -3.94
N GLU A 20 -3.67 3.77 -4.27
CA GLU A 20 -4.38 2.89 -3.34
C GLU A 20 -4.47 1.48 -3.93
N LEU A 21 -4.57 0.48 -3.04
CA LEU A 21 -4.71 -0.95 -3.35
C LEU A 21 -5.92 -1.53 -2.60
N GLN A 22 -6.11 -2.85 -2.70
CA GLN A 22 -7.17 -3.59 -2.02
C GLN A 22 -6.63 -4.80 -1.26
N ALA A 23 -5.62 -5.49 -1.81
CA ALA A 23 -4.93 -6.58 -1.14
C ALA A 23 -3.97 -6.05 -0.07
N GLU A 24 -3.17 -5.03 -0.40
CA GLU A 24 -2.19 -4.44 0.51
C GLU A 24 -2.83 -3.40 1.45
N SER A 25 -3.94 -2.78 1.02
CA SER A 25 -4.76 -1.90 1.85
C SER A 25 -5.65 -2.68 2.86
N ALA A 26 -5.58 -4.02 2.84
CA ALA A 26 -6.23 -4.93 3.81
C ALA A 26 -5.22 -5.46 4.84
N SER A 27 -4.02 -4.87 4.94
CA SER A 27 -2.88 -5.36 5.71
C SER A 27 -2.27 -4.28 6.65
N CYS A 28 -2.97 -3.16 6.88
CA CYS A 28 -2.44 -1.98 7.56
C CYS A 28 -3.33 -1.44 8.72
N GLY A 29 -4.61 -1.84 8.80
CA GLY A 29 -5.56 -1.41 9.84
C GLY A 29 -6.82 -0.80 9.25
N LYS A 30 -7.16 0.43 9.67
CA LYS A 30 -8.32 1.20 9.23
C LYS A 30 -7.92 2.65 8.93
N GLY A 31 -8.61 3.28 7.97
CA GLY A 31 -8.33 4.65 7.54
C GLY A 31 -7.03 4.82 6.74
N GLN A 32 -6.49 3.72 6.19
CA GLN A 32 -5.17 3.62 5.57
C GLN A 32 -5.24 3.15 4.11
N LYS A 33 -4.08 3.15 3.44
CA LYS A 33 -3.79 2.41 2.22
C LYS A 33 -2.28 2.18 2.07
N CYS A 34 -1.89 1.33 1.12
CA CYS A 34 -0.49 1.12 0.77
C CYS A 34 -0.09 2.03 -0.38
N CYS A 35 0.76 3.02 -0.07
CA CYS A 35 1.30 3.97 -1.03
C CYS A 35 2.47 3.35 -1.79
N VAL A 36 2.48 3.53 -3.12
CA VAL A 36 3.54 3.15 -4.05
C VAL A 36 4.08 4.41 -4.73
N TRP A 37 5.40 4.45 -4.94
CA TRP A 37 6.08 5.58 -5.58
C TRP A 37 5.75 5.71 -7.07
N LEU A 38 5.53 4.58 -7.74
CA LEU A 38 5.12 4.48 -9.14
C LEU A 38 3.61 4.73 -9.31
N HIS A 39 3.15 4.87 -10.56
CA HIS A 39 1.73 5.05 -10.90
C HIS A 39 1.03 3.70 -11.05
N LEU A 1 5.79 -7.60 -7.52
CA LEU A 1 4.90 -8.68 -7.98
C LEU A 1 3.46 -8.16 -8.13
N THR A 2 2.78 -7.92 -7.01
CA THR A 2 1.36 -7.53 -6.96
C THR A 2 1.18 -6.09 -6.47
N GLY A 3 2.14 -5.56 -5.67
CA GLY A 3 2.22 -4.14 -5.33
C GLY A 3 3.14 -3.85 -4.13
N CYS A 4 3.26 -4.79 -3.18
CA CYS A 4 4.05 -4.65 -1.95
C CYS A 4 4.70 -6.00 -1.57
N LYS A 5 5.55 -5.98 -0.53
CA LYS A 5 6.28 -7.14 0.00
C LYS A 5 6.22 -7.24 1.53
N GLY A 6 5.75 -6.20 2.23
CA GLY A 6 5.59 -6.11 3.67
C GLY A 6 6.66 -5.24 4.35
N LYS A 7 7.84 -5.06 3.71
CA LYS A 7 8.92 -4.19 4.19
C LYS A 7 9.53 -3.33 3.07
N GLY A 8 9.36 -3.71 1.80
CA GLY A 8 9.84 -2.96 0.63
C GLY A 8 9.02 -1.70 0.31
N GLY A 9 7.92 -1.49 1.05
CA GLY A 9 7.03 -0.34 0.99
C GLY A 9 6.59 0.07 2.39
N GLU A 10 5.67 1.04 2.47
CA GLU A 10 5.28 1.69 3.72
C GLU A 10 3.77 1.71 3.90
N CYS A 11 3.35 1.54 5.16
CA CYS A 11 1.98 1.62 5.64
C CYS A 11 1.64 3.07 5.96
N ASN A 12 1.10 3.76 4.94
CA ASN A 12 0.63 5.14 5.00
C ASN A 12 -0.89 5.16 5.24
N PRO A 13 -1.49 6.29 5.69
CA PRO A 13 -2.92 6.36 5.93
C PRO A 13 -3.74 6.21 4.64
N LEU A 14 -5.04 5.95 4.81
CA LEU A 14 -6.02 5.91 3.72
C LEU A 14 -6.15 7.28 3.03
N ASP A 15 -5.93 8.36 3.80
CA ASP A 15 -5.86 9.75 3.37
C ASP A 15 -4.73 10.05 2.36
N ARG A 16 -3.73 9.17 2.25
CA ARG A 16 -2.62 9.28 1.29
C ARG A 16 -3.15 9.18 -0.15
N GLN A 17 -2.64 10.04 -1.05
CA GLN A 17 -2.85 9.90 -2.49
C GLN A 17 -1.83 8.90 -3.04
N CYS A 18 -2.13 7.60 -2.87
CA CYS A 18 -1.36 6.48 -3.42
C CYS A 18 -2.27 5.28 -3.70
N LYS A 19 -1.69 4.25 -4.32
CA LYS A 19 -2.36 3.00 -4.63
C LYS A 19 -2.68 2.19 -3.35
N GLU A 20 -3.55 1.20 -3.48
CA GLU A 20 -4.08 0.40 -2.37
C GLU A 20 -4.11 -1.09 -2.76
N LEU A 21 -4.08 -1.97 -1.74
CA LEU A 21 -4.10 -3.42 -1.85
C LEU A 21 -5.24 -4.00 -1.00
N GLN A 22 -5.31 -5.34 -0.94
CA GLN A 22 -6.31 -6.09 -0.18
C GLN A 22 -5.67 -7.08 0.79
N ALA A 23 -4.59 -7.75 0.37
CA ALA A 23 -3.78 -8.62 1.22
C ALA A 23 -2.88 -7.79 2.15
N GLU A 24 -2.19 -6.77 1.60
CA GLU A 24 -1.20 -5.99 2.35
C GLU A 24 -1.82 -4.81 3.10
N SER A 25 -2.93 -4.27 2.57
CA SER A 25 -3.66 -3.18 3.21
C SER A 25 -4.28 -3.64 4.54
N ALA A 26 -4.71 -4.91 4.63
CA ALA A 26 -5.16 -5.55 5.85
C ALA A 26 -4.01 -5.75 6.86
N SER A 27 -2.78 -6.00 6.38
CA SER A 27 -1.60 -6.17 7.22
C SER A 27 -1.11 -4.86 7.85
N CYS A 28 -1.37 -3.71 7.19
CA CYS A 28 -0.98 -2.38 7.68
C CYS A 28 -1.81 -1.89 8.88
N GLY A 29 -2.93 -2.56 9.20
CA GLY A 29 -3.83 -2.22 10.29
C GLY A 29 -4.96 -1.29 9.84
N LYS A 30 -6.06 -1.28 10.60
CA LYS A 30 -7.31 -0.61 10.25
C LYS A 30 -7.15 0.91 10.42
N GLY A 31 -6.96 1.60 9.28
CA GLY A 31 -6.66 3.03 9.18
C GLY A 31 -5.49 3.33 8.22
N GLN A 32 -4.78 2.29 7.74
CA GLN A 32 -3.64 2.40 6.84
C GLN A 32 -3.74 1.38 5.69
N LYS A 33 -2.99 1.64 4.62
CA LYS A 33 -2.85 0.85 3.41
C LYS A 33 -1.39 0.83 2.94
N CYS A 34 -1.05 -0.09 2.03
CA CYS A 34 0.28 -0.18 1.44
C CYS A 34 0.33 0.52 0.08
N CYS A 35 1.06 1.64 0.01
CA CYS A 35 1.37 2.31 -1.25
C CYS A 35 2.38 1.50 -2.07
N VAL A 36 2.39 1.70 -3.39
CA VAL A 36 3.50 1.29 -4.25
C VAL A 36 4.75 2.10 -3.92
N TRP A 37 5.91 1.42 -3.95
CA TRP A 37 7.22 2.05 -3.82
C TRP A 37 7.61 2.86 -5.06
N LEU A 38 6.94 2.61 -6.20
CA LEU A 38 7.20 3.22 -7.50
C LEU A 38 6.82 4.70 -7.45
N HIS A 39 7.85 5.57 -7.36
CA HIS A 39 7.72 7.01 -7.22
C HIS A 39 7.66 7.70 -8.58
N LEU A 1 1.32 -15.85 0.06
CA LEU A 1 1.00 -14.45 0.39
C LEU A 1 1.51 -14.10 1.79
N THR A 2 2.22 -12.98 1.90
CA THR A 2 2.68 -12.40 3.16
C THR A 2 1.77 -11.24 3.60
N GLY A 3 1.22 -10.47 2.64
CA GLY A 3 0.18 -9.47 2.90
C GLY A 3 0.31 -8.14 2.13
N CYS A 4 1.28 -8.02 1.23
CA CYS A 4 1.48 -6.88 0.32
C CYS A 4 2.21 -7.38 -0.94
N LYS A 5 2.63 -6.45 -1.82
CA LYS A 5 3.42 -6.75 -3.03
C LYS A 5 4.72 -7.52 -2.77
N GLY A 6 5.25 -7.47 -1.54
CA GLY A 6 6.43 -8.22 -1.08
C GLY A 6 7.33 -7.38 -0.16
N LYS A 7 7.40 -6.07 -0.39
CA LYS A 7 8.19 -5.11 0.41
C LYS A 7 7.52 -4.74 1.74
N GLY A 8 6.21 -5.05 1.90
CA GLY A 8 5.42 -4.75 3.09
C GLY A 8 4.95 -3.28 3.16
N GLY A 9 5.73 -2.33 2.62
CA GLY A 9 5.48 -0.90 2.64
C GLY A 9 5.27 -0.37 4.05
N GLU A 10 4.33 0.57 4.18
CA GLU A 10 3.79 1.07 5.44
C GLU A 10 2.26 1.13 5.36
N CYS A 11 1.62 1.06 6.54
CA CYS A 11 0.17 1.10 6.70
C CYS A 11 -0.31 2.56 6.65
N ASN A 12 -0.60 3.01 5.43
CA ASN A 12 -1.05 4.37 5.13
C ASN A 12 -2.57 4.49 5.33
N PRO A 13 -3.09 5.71 5.59
CA PRO A 13 -4.52 5.96 5.71
C PRO A 13 -5.20 5.84 4.34
N LEU A 14 -6.49 5.54 4.37
CA LEU A 14 -7.33 5.36 3.18
C LEU A 14 -7.45 6.65 2.35
N ASP A 15 -7.45 7.80 3.05
CA ASP A 15 -7.52 9.15 2.46
C ASP A 15 -6.30 9.52 1.61
N ARG A 16 -5.18 8.78 1.71
CA ARG A 16 -4.02 8.90 0.84
C ARG A 16 -4.39 8.46 -0.60
N GLN A 17 -3.60 8.88 -1.59
CA GLN A 17 -3.69 8.42 -2.98
C GLN A 17 -2.52 7.47 -3.27
N CYS A 18 -2.84 6.18 -3.39
CA CYS A 18 -1.87 5.12 -3.70
C CYS A 18 -2.51 4.00 -4.55
N LYS A 19 -1.76 2.93 -4.83
CA LYS A 19 -2.18 1.76 -5.59
C LYS A 19 -3.45 1.13 -5.04
N GLU A 20 -3.43 0.85 -3.73
CA GLU A 20 -4.51 0.30 -2.90
C GLU A 20 -4.98 -1.08 -3.38
N LEU A 21 -4.48 -2.14 -2.74
CA LEU A 21 -4.96 -3.52 -2.89
C LEU A 21 -6.33 -3.70 -2.21
N GLN A 22 -6.95 -4.87 -2.43
CA GLN A 22 -8.27 -5.21 -1.93
C GLN A 22 -8.25 -6.39 -0.96
N ALA A 23 -7.46 -7.44 -1.26
CA ALA A 23 -7.23 -8.57 -0.36
C ALA A 23 -6.07 -8.30 0.62
N GLU A 24 -5.21 -7.31 0.33
CA GLU A 24 -3.94 -7.09 1.03
C GLU A 24 -3.91 -5.74 1.76
N SER A 25 -4.93 -4.89 1.58
CA SER A 25 -5.20 -3.76 2.48
C SER A 25 -5.57 -4.23 3.89
N ALA A 26 -6.23 -5.39 4.00
CA ALA A 26 -6.61 -6.04 5.25
C ALA A 26 -5.44 -6.63 6.05
N SER A 27 -4.22 -6.69 5.47
CA SER A 27 -3.00 -7.08 6.17
C SER A 27 -2.65 -6.06 7.26
N CYS A 28 -2.73 -4.76 6.93
CA CYS A 28 -2.60 -3.65 7.87
C CYS A 28 -3.79 -3.53 8.83
N GLY A 29 -4.90 -4.22 8.54
CA GLY A 29 -6.10 -4.28 9.36
C GLY A 29 -7.17 -3.26 8.93
N LYS A 30 -8.29 -3.28 9.65
CA LYS A 30 -9.46 -2.43 9.43
C LYS A 30 -9.09 -0.96 9.61
N GLY A 31 -9.25 -0.18 8.53
CA GLY A 31 -9.06 1.26 8.51
C GLY A 31 -7.78 1.74 7.83
N GLN A 32 -6.91 0.83 7.36
CA GLN A 32 -5.66 1.13 6.65
C GLN A 32 -5.59 0.35 5.33
N LYS A 33 -4.61 0.67 4.48
CA LYS A 33 -4.36 -0.03 3.23
C LYS A 33 -2.86 -0.25 2.94
N CYS A 34 -2.59 -1.10 1.94
CA CYS A 34 -1.25 -1.39 1.42
C CYS A 34 -0.93 -0.45 0.26
N CYS A 35 0.28 0.11 0.28
CA CYS A 35 0.83 1.00 -0.73
C CYS A 35 2.31 0.65 -1.00
N VAL A 36 2.81 0.97 -2.20
CA VAL A 36 4.20 0.81 -2.60
C VAL A 36 4.67 2.04 -3.39
N TRP A 37 5.85 2.54 -3.02
CA TRP A 37 6.53 3.67 -3.65
C TRP A 37 6.89 3.44 -5.12
N LEU A 38 6.89 2.18 -5.58
CA LEU A 38 7.11 1.79 -6.97
C LEU A 38 5.94 2.22 -7.87
N HIS A 39 4.69 2.19 -7.34
CA HIS A 39 3.47 2.44 -8.09
C HIS A 39 2.68 3.57 -7.44
N LEU A 1 3.34 -13.06 -3.30
CA LEU A 1 3.76 -12.53 -2.00
C LEU A 1 3.18 -11.14 -1.74
N THR A 2 2.48 -11.01 -0.62
CA THR A 2 1.82 -9.77 -0.16
C THR A 2 2.82 -8.83 0.53
N GLY A 3 2.38 -7.59 0.82
CA GLY A 3 3.15 -6.59 1.55
C GLY A 3 3.94 -5.70 0.60
N CYS A 4 3.46 -4.47 0.38
CA CYS A 4 4.05 -3.49 -0.51
C CYS A 4 5.45 -3.02 -0.11
N LYS A 5 5.77 -3.03 1.19
CA LYS A 5 7.09 -2.71 1.72
C LYS A 5 8.21 -3.56 1.09
N GLY A 6 7.92 -4.80 0.69
CA GLY A 6 8.89 -5.69 0.03
C GLY A 6 9.05 -5.40 -1.46
N LYS A 7 7.99 -4.97 -2.16
CA LYS A 7 7.98 -4.65 -3.57
C LYS A 7 8.69 -3.32 -3.88
N GLY A 8 8.49 -2.31 -3.03
CA GLY A 8 8.96 -0.93 -3.22
C GLY A 8 7.86 0.12 -3.01
N GLY A 9 6.64 -0.30 -2.64
CA GLY A 9 5.52 0.57 -2.28
C GLY A 9 5.52 0.93 -0.79
N GLU A 10 4.49 1.70 -0.39
CA GLU A 10 4.33 2.28 0.94
C GLU A 10 2.89 2.08 1.45
N CYS A 11 2.70 2.31 2.75
CA CYS A 11 1.40 2.28 3.43
C CYS A 11 1.07 3.69 3.95
N ASN A 12 -0.03 4.23 3.44
CA ASN A 12 -0.45 5.62 3.56
C ASN A 12 -1.99 5.69 3.69
N PRO A 13 -2.57 6.80 4.20
CA PRO A 13 -4.01 6.92 4.37
C PRO A 13 -4.73 7.01 3.02
N LEU A 14 -6.04 6.76 3.05
CA LEU A 14 -6.94 6.80 1.90
C LEU A 14 -6.99 8.20 1.26
N ASP A 15 -6.88 9.23 2.10
CA ASP A 15 -6.83 10.65 1.74
C ASP A 15 -5.66 11.01 0.79
N ARG A 16 -4.58 10.20 0.77
CA ARG A 16 -3.41 10.43 -0.07
C ARG A 16 -3.77 10.35 -1.57
N GLN A 17 -3.02 11.08 -2.40
CA GLN A 17 -3.23 11.16 -3.85
C GLN A 17 -2.39 10.08 -4.55
N CYS A 18 -2.93 8.86 -4.62
CA CYS A 18 -2.31 7.72 -5.28
C CYS A 18 -3.35 6.62 -5.60
N LYS A 19 -2.90 5.52 -6.23
CA LYS A 19 -3.66 4.31 -6.52
C LYS A 19 -4.13 3.64 -5.21
N GLU A 20 -5.18 2.81 -5.30
CA GLU A 20 -5.79 2.07 -4.19
C GLU A 20 -6.08 0.64 -4.62
N LEU A 21 -5.28 -0.29 -4.09
CA LEU A 21 -5.37 -1.74 -4.36
C LEU A 21 -6.50 -2.39 -3.55
N GLN A 22 -6.64 -3.72 -3.67
CA GLN A 22 -7.64 -4.51 -2.96
C GLN A 22 -6.99 -5.65 -2.17
N ALA A 23 -6.00 -6.33 -2.74
CA ALA A 23 -5.25 -7.39 -2.07
C ALA A 23 -4.18 -6.83 -1.13
N GLU A 24 -3.49 -5.73 -1.51
CA GLU A 24 -2.40 -5.14 -0.74
C GLU A 24 -2.84 -3.92 0.08
N SER A 25 -4.03 -3.37 -0.17
CA SER A 25 -4.62 -2.31 0.65
C SER A 25 -4.94 -2.82 2.06
N ALA A 26 -5.53 -4.02 2.16
CA ALA A 26 -5.78 -4.71 3.42
C ALA A 26 -4.48 -5.19 4.11
N SER A 27 -3.40 -5.40 3.34
CA SER A 27 -2.09 -5.80 3.87
C SER A 27 -1.42 -4.67 4.66
N CYS A 28 -1.68 -3.40 4.31
CA CYS A 28 -1.34 -2.23 5.12
C CYS A 28 -2.18 -2.21 6.39
N GLY A 29 -3.51 -2.13 6.25
CA GLY A 29 -4.45 -2.14 7.36
C GLY A 29 -5.75 -1.41 7.04
N LYS A 30 -6.67 -1.38 8.02
CA LYS A 30 -7.89 -0.57 7.99
C LYS A 30 -7.54 0.93 7.96
N GLY A 31 -8.30 1.70 7.19
CA GLY A 31 -8.08 3.13 6.98
C GLY A 31 -6.82 3.45 6.19
N GLN A 32 -6.16 2.45 5.59
CA GLN A 32 -4.94 2.59 4.81
C GLN A 32 -5.11 1.92 3.44
N LYS A 33 -4.16 2.23 2.55
CA LYS A 33 -4.01 1.63 1.23
C LYS A 33 -2.53 1.52 0.86
N CYS A 34 -2.26 0.90 -0.29
CA CYS A 34 -0.93 0.81 -0.88
C CYS A 34 -0.86 1.67 -2.14
N CYS A 35 0.16 2.55 -2.17
CA CYS A 35 0.49 3.41 -3.30
C CYS A 35 1.58 2.76 -4.17
N VAL A 36 1.56 3.09 -5.47
CA VAL A 36 2.59 2.75 -6.45
C VAL A 36 3.84 3.61 -6.27
N TRP A 37 4.85 3.38 -7.12
CA TRP A 37 6.12 4.11 -7.15
C TRP A 37 6.38 4.63 -8.56
N LEU A 38 6.42 3.74 -9.56
CA LEU A 38 6.70 3.98 -10.98
C LEU A 38 8.00 4.72 -11.29
N HIS A 39 8.84 5.01 -10.27
CA HIS A 39 9.97 5.92 -10.34
C HIS A 39 11.14 5.31 -11.11
N LEU A 1 5.12 -8.14 9.80
CA LEU A 1 6.28 -8.94 9.36
C LEU A 1 6.71 -8.66 7.93
N THR A 2 5.76 -8.40 7.01
CA THR A 2 5.97 -7.99 5.63
C THR A 2 5.79 -6.46 5.47
N GLY A 3 5.85 -5.98 4.22
CA GLY A 3 5.63 -4.58 3.86
C GLY A 3 5.46 -4.49 2.35
N CYS A 4 4.21 -4.23 1.88
CA CYS A 4 3.79 -4.24 0.48
C CYS A 4 4.13 -5.57 -0.23
N LYS A 5 3.87 -5.65 -1.55
CA LYS A 5 4.08 -6.83 -2.38
C LYS A 5 5.56 -7.26 -2.40
N GLY A 6 6.43 -6.29 -2.70
CA GLY A 6 7.87 -6.46 -2.88
C GLY A 6 8.65 -5.34 -2.19
N LYS A 7 8.01 -4.58 -1.29
CA LYS A 7 8.58 -3.50 -0.48
C LYS A 7 9.18 -2.33 -1.29
N GLY A 8 8.72 -2.18 -2.55
CA GLY A 8 8.97 -1.03 -3.42
C GLY A 8 8.12 0.21 -3.08
N GLY A 9 7.51 0.24 -1.89
CA GLY A 9 6.64 1.30 -1.39
C GLY A 9 6.39 1.13 0.11
N GLU A 10 5.48 1.96 0.65
CA GLU A 10 5.08 1.95 2.06
C GLU A 10 3.55 1.91 2.20
N CYS A 11 3.10 1.48 3.39
CA CYS A 11 1.71 1.54 3.82
C CYS A 11 1.37 2.96 4.25
N ASN A 12 0.84 3.74 3.30
CA ASN A 12 0.37 5.11 3.46
C ASN A 12 -1.16 5.12 3.63
N PRO A 13 -1.77 6.23 4.10
CA PRO A 13 -3.24 6.33 4.20
C PRO A 13 -3.90 6.30 2.82
N LEU A 14 -5.21 5.98 2.80
CA LEU A 14 -6.04 5.89 1.60
C LEU A 14 -6.16 7.26 0.89
N ASP A 15 -6.15 8.34 1.67
CA ASP A 15 -6.17 9.73 1.23
C ASP A 15 -4.91 10.20 0.49
N ARG A 16 -3.82 9.40 0.49
CA ARG A 16 -2.52 9.79 -0.06
C ARG A 16 -2.57 9.97 -1.59
N GLN A 17 -1.74 10.91 -2.09
CA GLN A 17 -1.52 11.17 -3.50
C GLN A 17 -0.55 10.10 -4.07
N CYS A 18 -1.09 8.90 -4.30
CA CYS A 18 -0.43 7.77 -4.93
C CYS A 18 -1.48 6.75 -5.42
N LYS A 19 -1.01 5.66 -6.02
CA LYS A 19 -1.85 4.51 -6.41
C LYS A 19 -2.44 3.80 -5.18
N GLU A 20 -3.41 2.91 -5.44
CA GLU A 20 -4.09 2.04 -4.48
C GLU A 20 -4.20 0.64 -5.06
N LEU A 21 -4.25 -0.35 -4.16
CA LEU A 21 -4.40 -1.76 -4.49
C LEU A 21 -5.56 -2.35 -3.66
N GLN A 22 -5.84 -3.65 -3.85
CA GLN A 22 -6.92 -4.38 -3.16
C GLN A 22 -6.37 -5.55 -2.34
N ALA A 23 -5.44 -6.34 -2.91
CA ALA A 23 -4.77 -7.44 -2.20
C ALA A 23 -3.65 -6.89 -1.28
N GLU A 24 -2.90 -5.88 -1.75
CA GLU A 24 -1.77 -5.33 -0.99
C GLU A 24 -2.22 -4.24 0.00
N SER A 25 -3.39 -3.62 -0.24
CA SER A 25 -4.02 -2.70 0.71
C SER A 25 -4.53 -3.47 1.94
N ALA A 26 -5.08 -4.68 1.74
CA ALA A 26 -5.42 -5.59 2.82
C ALA A 26 -4.18 -6.15 3.53
N SER A 27 -3.03 -6.25 2.85
CA SER A 27 -1.76 -6.63 3.47
C SER A 27 -1.22 -5.54 4.40
N CYS A 28 -1.45 -4.25 4.06
CA CYS A 28 -1.22 -3.10 4.92
C CYS A 28 -2.20 -3.03 6.12
N GLY A 29 -3.23 -3.88 6.13
CA GLY A 29 -4.20 -4.02 7.22
C GLY A 29 -5.48 -3.28 6.91
N LYS A 30 -5.75 -2.23 7.69
CA LYS A 30 -6.94 -1.38 7.61
C LYS A 30 -6.53 0.09 7.66
N GLY A 31 -7.27 0.94 6.93
CA GLY A 31 -7.04 2.38 6.85
C GLY A 31 -5.81 2.79 6.01
N GLN A 32 -5.09 1.82 5.42
CA GLN A 32 -3.86 2.03 4.66
C GLN A 32 -3.92 1.28 3.32
N LYS A 33 -3.09 1.70 2.36
CA LYS A 33 -2.93 1.12 1.04
C LYS A 33 -1.45 1.04 0.64
N CYS A 34 -1.20 0.33 -0.45
CA CYS A 34 0.13 0.12 -1.03
C CYS A 34 0.16 0.79 -2.42
N CYS A 35 1.07 1.76 -2.60
CA CYS A 35 1.33 2.35 -3.91
C CYS A 35 2.28 1.45 -4.72
N VAL A 36 2.19 1.53 -6.06
CA VAL A 36 3.11 0.84 -6.98
C VAL A 36 4.48 1.52 -6.97
N TRP A 37 5.51 0.74 -7.32
CA TRP A 37 6.90 1.19 -7.43
C TRP A 37 7.11 2.18 -8.59
N LEU A 38 6.39 1.98 -9.70
CA LEU A 38 6.45 2.78 -10.92
C LEU A 38 5.19 2.49 -11.75
N HIS A 39 4.29 3.48 -11.85
CA HIS A 39 3.02 3.37 -12.56
C HIS A 39 3.24 3.29 -14.07
N LEU A 1 5.37 -9.64 -7.71
CA LEU A 1 5.84 -8.48 -8.50
C LEU A 1 5.58 -7.14 -7.79
N THR A 2 4.57 -7.06 -6.91
CA THR A 2 4.12 -5.85 -6.23
C THR A 2 4.06 -6.11 -4.71
N GLY A 3 4.27 -5.05 -3.90
CA GLY A 3 4.10 -5.10 -2.45
C GLY A 3 4.72 -3.91 -1.73
N CYS A 4 4.19 -3.68 -0.54
CA CYS A 4 4.64 -2.73 0.48
C CYS A 4 5.07 -3.48 1.76
N LYS A 5 5.66 -2.73 2.70
CA LYS A 5 6.10 -3.18 4.03
C LYS A 5 7.22 -4.23 4.02
N GLY A 6 7.83 -4.48 2.85
CA GLY A 6 8.99 -5.35 2.67
C GLY A 6 9.92 -4.82 1.57
N LYS A 7 9.37 -4.56 0.38
CA LYS A 7 10.12 -4.13 -0.81
C LYS A 7 10.58 -2.67 -0.68
N GLY A 8 9.64 -1.72 -0.77
CA GLY A 8 9.92 -0.29 -0.68
C GLY A 8 8.73 0.61 -0.33
N GLY A 9 7.53 0.04 -0.14
CA GLY A 9 6.32 0.76 0.22
C GLY A 9 6.06 0.77 1.72
N GLU A 10 5.08 1.56 2.15
CA GLU A 10 4.60 1.66 3.53
C GLU A 10 3.08 1.85 3.58
N CYS A 11 2.53 1.77 4.80
CA CYS A 11 1.17 2.16 5.13
C CYS A 11 1.05 3.70 5.04
N ASN A 12 0.21 4.16 4.10
CA ASN A 12 -0.07 5.57 3.83
C ASN A 12 -1.53 5.90 4.15
N PRO A 13 -1.85 7.18 4.39
CA PRO A 13 -3.23 7.63 4.58
C PRO A 13 -4.01 7.53 3.26
N LEU A 14 -5.31 7.28 3.35
CA LEU A 14 -6.22 7.04 2.22
C LEU A 14 -6.31 8.27 1.30
N ASP A 15 -6.15 9.47 1.86
CA ASP A 15 -6.06 10.76 1.15
C ASP A 15 -4.88 10.84 0.17
N ARG A 16 -3.84 10.00 0.32
CA ARG A 16 -2.74 9.90 -0.63
C ARG A 16 -3.21 9.20 -1.90
N GLN A 17 -3.00 9.84 -3.05
CA GLN A 17 -3.12 9.22 -4.36
C GLN A 17 -1.80 8.49 -4.68
N CYS A 18 -1.79 7.18 -4.42
CA CYS A 18 -0.67 6.28 -4.66
C CYS A 18 -1.20 4.95 -5.20
N LYS A 19 -1.64 4.05 -4.31
CA LYS A 19 -2.25 2.77 -4.63
C LYS A 19 -3.23 2.40 -3.50
N GLU A 20 -4.07 1.39 -3.75
CA GLU A 20 -4.93 0.77 -2.75
C GLU A 20 -5.25 -0.67 -3.18
N LEU A 21 -5.38 -1.57 -2.19
CA LEU A 21 -5.65 -2.99 -2.36
C LEU A 21 -6.78 -3.42 -1.41
N GLN A 22 -7.14 -4.71 -1.45
CA GLN A 22 -8.17 -5.32 -0.61
C GLN A 22 -7.59 -6.38 0.33
N ALA A 23 -6.59 -7.14 -0.14
CA ALA A 23 -5.87 -8.14 0.65
C ALA A 23 -4.73 -7.51 1.48
N GLU A 24 -4.16 -6.38 1.02
CA GLU A 24 -2.95 -5.79 1.61
C GLU A 24 -3.22 -4.48 2.37
N SER A 25 -4.40 -3.86 2.17
CA SER A 25 -4.88 -2.77 3.02
C SER A 25 -5.21 -3.26 4.44
N ALA A 26 -5.61 -4.54 4.58
CA ALA A 26 -5.87 -5.21 5.84
C ALA A 26 -4.60 -5.43 6.69
N SER A 27 -3.41 -5.41 6.05
CA SER A 27 -2.12 -5.46 6.74
C SER A 27 -1.88 -4.17 7.56
N CYS A 28 -2.28 -3.01 7.01
CA CYS A 28 -2.26 -1.72 7.68
C CYS A 28 -3.43 -1.54 8.67
N GLY A 29 -4.48 -2.37 8.55
CA GLY A 29 -5.63 -2.41 9.45
C GLY A 29 -6.80 -1.61 8.89
N LYS A 30 -7.30 -0.67 9.70
CA LYS A 30 -8.45 0.20 9.39
C LYS A 30 -8.04 1.66 9.50
N GLY A 31 -7.94 2.32 8.34
CA GLY A 31 -7.62 3.75 8.20
C GLY A 31 -6.42 4.04 7.28
N GLN A 32 -5.69 3.01 6.85
CA GLN A 32 -4.50 3.11 5.99
C GLN A 32 -4.50 1.97 4.95
N LYS A 33 -3.65 2.10 3.93
CA LYS A 33 -3.57 1.19 2.79
C LYS A 33 -2.12 0.99 2.32
N CYS A 34 -1.96 0.01 1.42
CA CYS A 34 -0.68 -0.30 0.77
C CYS A 34 -0.42 0.69 -0.37
N CYS A 35 0.83 1.15 -0.49
CA CYS A 35 1.29 2.13 -1.48
C CYS A 35 2.58 1.62 -2.14
N VAL A 36 2.65 1.77 -3.46
CA VAL A 36 3.78 1.33 -4.30
C VAL A 36 5.04 2.18 -4.09
N TRP A 37 6.15 1.72 -4.68
CA TRP A 37 7.46 2.39 -4.69
C TRP A 37 7.87 2.83 -6.09
N LEU A 38 7.25 2.29 -7.15
CA LEU A 38 7.40 2.76 -8.53
C LEU A 38 6.89 4.21 -8.66
N HIS A 39 7.57 5.00 -9.51
CA HIS A 39 7.23 6.39 -9.79
C HIS A 39 5.99 6.46 -10.69
N LEU A 1 5.50 -13.16 2.35
CA LEU A 1 4.38 -13.18 1.39
C LEU A 1 3.47 -11.96 1.48
N THR A 2 3.38 -11.30 2.65
CA THR A 2 2.48 -10.17 2.92
C THR A 2 3.27 -8.94 3.43
N GLY A 3 2.56 -7.81 3.55
CA GLY A 3 3.09 -6.51 3.95
C GLY A 3 3.44 -5.65 2.74
N CYS A 4 3.18 -4.34 2.84
CA CYS A 4 3.62 -3.34 1.87
C CYS A 4 5.14 -3.30 1.80
N LYS A 5 5.82 -3.18 2.95
CA LYS A 5 7.28 -3.22 3.08
C LYS A 5 7.89 -4.55 2.60
N GLY A 6 7.10 -5.63 2.65
CA GLY A 6 7.46 -6.98 2.23
C GLY A 6 7.61 -7.15 0.71
N LYS A 7 7.24 -6.12 -0.08
CA LYS A 7 7.39 -6.10 -1.54
C LYS A 7 8.11 -4.84 -2.02
N GLY A 8 7.85 -3.67 -1.40
CA GLY A 8 8.48 -2.39 -1.74
C GLY A 8 7.55 -1.17 -1.65
N GLY A 9 6.27 -1.36 -1.30
CA GLY A 9 5.30 -0.30 -1.06
C GLY A 9 5.34 0.19 0.39
N GLU A 10 4.45 1.14 0.73
CA GLU A 10 4.25 1.63 2.09
C GLU A 10 2.77 1.72 2.43
N CYS A 11 2.46 1.47 3.71
CA CYS A 11 1.16 1.74 4.31
C CYS A 11 0.97 3.26 4.48
N ASN A 12 -0.25 3.71 4.18
CA ASN A 12 -0.71 5.10 4.19
C ASN A 12 -2.17 5.14 4.71
N PRO A 13 -2.68 6.32 5.11
CA PRO A 13 -4.07 6.48 5.51
C PRO A 13 -5.02 6.35 4.30
N LEU A 14 -6.30 6.10 4.58
CA LEU A 14 -7.38 6.08 3.60
C LEU A 14 -7.53 7.43 2.90
N ASP A 15 -7.27 8.51 3.66
CA ASP A 15 -7.31 9.91 3.27
C ASP A 15 -6.03 10.33 2.52
N ARG A 16 -5.66 9.61 1.45
CA ARG A 16 -4.47 9.87 0.65
C ARG A 16 -4.76 9.80 -0.85
N GLN A 17 -3.91 10.46 -1.65
CA GLN A 17 -3.94 10.46 -3.12
C GLN A 17 -3.20 9.27 -3.77
N CYS A 18 -2.80 8.27 -2.97
CA CYS A 18 -2.27 7.00 -3.46
C CYS A 18 -3.36 6.14 -4.11
N LYS A 19 -2.90 5.18 -4.92
CA LYS A 19 -3.72 4.17 -5.58
C LYS A 19 -3.95 3.01 -4.61
N GLU A 20 -5.15 3.00 -4.00
CA GLU A 20 -5.61 2.01 -3.02
C GLU A 20 -5.74 0.62 -3.66
N LEU A 21 -4.97 -0.34 -3.15
CA LEU A 21 -5.04 -1.76 -3.51
C LEU A 21 -6.26 -2.46 -2.87
N GLN A 22 -6.41 -3.76 -3.14
CA GLN A 22 -7.49 -4.59 -2.60
C GLN A 22 -6.96 -5.72 -1.71
N ALA A 23 -5.86 -6.36 -2.11
CA ALA A 23 -5.20 -7.41 -1.36
C ALA A 23 -4.27 -6.82 -0.28
N GLU A 24 -3.54 -5.75 -0.60
CA GLU A 24 -2.45 -5.24 0.24
C GLU A 24 -2.89 -4.11 1.16
N SER A 25 -4.06 -3.51 0.92
CA SER A 25 -4.66 -2.52 1.80
C SER A 25 -5.09 -3.15 3.13
N ALA A 26 -5.68 -4.35 3.08
CA ALA A 26 -6.02 -5.15 4.26
C ALA A 26 -4.78 -5.66 5.01
N SER A 27 -3.59 -5.65 4.40
CA SER A 27 -2.33 -6.06 5.03
C SER A 27 -1.89 -5.08 6.13
N CYS A 28 -2.11 -3.78 5.94
CA CYS A 28 -1.72 -2.73 6.88
C CYS A 28 -2.51 -2.84 8.18
N GLY A 29 -3.81 -3.15 8.11
CA GLY A 29 -4.72 -3.26 9.24
C GLY A 29 -6.01 -2.48 9.04
N LYS A 30 -6.84 -2.44 10.08
CA LYS A 30 -8.10 -1.71 10.13
C LYS A 30 -7.84 -0.20 10.09
N GLY A 31 -8.51 0.51 9.16
CA GLY A 31 -8.44 1.97 9.03
C GLY A 31 -7.25 2.49 8.21
N GLN A 32 -6.45 1.61 7.60
CA GLN A 32 -5.27 1.93 6.82
C GLN A 32 -5.21 1.07 5.56
N LYS A 33 -4.50 1.56 4.54
CA LYS A 33 -4.40 0.98 3.20
C LYS A 33 -2.98 1.11 2.64
N CYS A 34 -2.72 0.63 1.42
CA CYS A 34 -1.38 0.59 0.81
C CYS A 34 -1.27 1.52 -0.41
N CYS A 35 -0.03 1.73 -0.89
CA CYS A 35 0.32 2.63 -1.98
C CYS A 35 1.33 1.96 -2.92
N VAL A 36 1.16 2.20 -4.23
CA VAL A 36 2.04 1.74 -5.32
C VAL A 36 3.40 2.45 -5.31
N TRP A 37 4.30 1.96 -6.16
CA TRP A 37 5.67 2.41 -6.35
C TRP A 37 5.94 2.92 -7.78
N LEU A 38 5.09 2.57 -8.76
CA LEU A 38 5.15 3.09 -10.12
C LEU A 38 4.71 4.55 -10.15
N HIS A 39 5.69 5.46 -10.24
CA HIS A 39 5.50 6.89 -10.38
C HIS A 39 4.89 7.25 -11.74
N LEU A 1 -1.42 -12.72 3.68
CA LEU A 1 -0.61 -12.64 2.45
C LEU A 1 0.58 -11.70 2.64
N THR A 2 1.64 -11.96 1.87
CA THR A 2 2.78 -11.06 1.67
C THR A 2 3.02 -10.85 0.18
N GLY A 3 3.62 -9.70 -0.17
CA GLY A 3 3.89 -9.32 -1.55
C GLY A 3 4.37 -7.87 -1.65
N CYS A 4 3.53 -6.90 -1.24
CA CYS A 4 3.78 -5.47 -1.37
C CYS A 4 5.09 -5.08 -0.67
N LYS A 5 5.04 -4.98 0.68
CA LYS A 5 6.19 -4.80 1.55
C LYS A 5 7.11 -6.02 1.60
N GLY A 6 6.64 -7.19 1.11
CA GLY A 6 7.41 -8.41 0.97
C GLY A 6 8.55 -8.31 -0.06
N LYS A 7 8.59 -7.24 -0.87
CA LYS A 7 9.62 -6.97 -1.89
C LYS A 7 10.26 -5.59 -1.69
N GLY A 8 9.46 -4.53 -1.68
CA GLY A 8 9.97 -3.15 -1.63
C GLY A 8 8.91 -2.06 -1.47
N GLY A 9 7.64 -2.42 -1.21
CA GLY A 9 6.52 -1.49 -1.09
C GLY A 9 6.32 -0.96 0.33
N GLU A 10 5.38 -0.03 0.45
CA GLU A 10 5.00 0.62 1.70
C GLU A 10 3.49 0.74 1.80
N CYS A 11 3.00 0.61 3.04
CA CYS A 11 1.59 0.71 3.40
C CYS A 11 1.22 2.18 3.60
N ASN A 12 0.95 2.86 2.48
CA ASN A 12 0.52 4.26 2.43
C ASN A 12 -0.97 4.37 2.84
N PRO A 13 -1.44 5.54 3.28
CA PRO A 13 -2.84 5.74 3.63
C PRO A 13 -3.74 5.67 2.38
N LEU A 14 -5.03 5.43 2.61
CA LEU A 14 -6.05 5.33 1.56
C LEU A 14 -6.20 6.65 0.79
N ASP A 15 -5.99 7.77 1.48
CA ASP A 15 -6.00 9.15 0.95
C ASP A 15 -4.88 9.41 -0.08
N ARG A 16 -3.83 8.56 -0.12
CA ARG A 16 -2.66 8.74 -1.00
C ARG A 16 -3.04 8.55 -2.47
N GLN A 17 -2.74 9.57 -3.28
CA GLN A 17 -2.90 9.54 -4.73
C GLN A 17 -1.72 8.79 -5.38
N CYS A 18 -1.83 7.46 -5.36
CA CYS A 18 -1.02 6.49 -6.10
C CYS A 18 -1.88 5.25 -6.40
N LYS A 19 -1.27 4.21 -7.00
CA LYS A 19 -1.92 2.93 -7.27
C LYS A 19 -2.41 2.28 -5.97
N GLU A 20 -3.43 1.42 -6.09
CA GLU A 20 -4.05 0.68 -5.01
C GLU A 20 -4.46 -0.71 -5.51
N LEU A 21 -3.79 -1.74 -4.99
CA LEU A 21 -4.09 -3.15 -5.20
C LEU A 21 -5.36 -3.55 -4.42
N GLN A 22 -5.83 -4.79 -4.62
CA GLN A 22 -7.02 -5.32 -3.94
C GLN A 22 -6.67 -6.55 -3.09
N ALA A 23 -5.92 -7.51 -3.63
CA ALA A 23 -5.44 -8.67 -2.90
C ALA A 23 -4.17 -8.34 -2.11
N GLU A 24 -3.28 -7.50 -2.67
CA GLU A 24 -2.02 -7.12 -2.04
C GLU A 24 -2.21 -6.01 -0.99
N SER A 25 -3.28 -5.21 -1.10
CA SER A 25 -3.67 -4.20 -0.12
C SER A 25 -4.06 -4.81 1.22
N ALA A 26 -4.63 -6.03 1.23
CA ALA A 26 -4.95 -6.78 2.44
C ALA A 26 -3.70 -7.25 3.22
N SER A 27 -2.51 -7.23 2.60
CA SER A 27 -1.24 -7.52 3.27
C SER A 27 -0.89 -6.43 4.31
N CYS A 28 -1.31 -5.18 4.05
CA CYS A 28 -1.19 -4.05 4.97
C CYS A 28 -2.22 -4.06 6.11
N GLY A 29 -3.22 -4.95 6.04
CA GLY A 29 -4.30 -5.10 7.01
C GLY A 29 -5.49 -4.24 6.62
N LYS A 30 -5.79 -3.25 7.47
CA LYS A 30 -6.84 -2.26 7.29
C LYS A 30 -6.32 -0.84 7.54
N GLY A 31 -7.02 0.16 6.98
CA GLY A 31 -6.72 1.58 7.10
C GLY A 31 -5.59 2.07 6.19
N GLN A 32 -4.76 1.16 5.65
CA GLN A 32 -3.66 1.41 4.72
C GLN A 32 -3.79 0.46 3.51
N LYS A 33 -3.07 0.78 2.43
CA LYS A 33 -3.07 0.04 1.17
C LYS A 33 -1.68 0.06 0.50
N CYS A 34 -1.48 -0.82 -0.49
CA CYS A 34 -0.23 -0.92 -1.23
C CYS A 34 -0.10 0.25 -2.22
N CYS A 35 1.14 0.72 -2.43
CA CYS A 35 1.47 1.86 -3.28
C CYS A 35 2.82 1.63 -3.98
N VAL A 36 2.99 2.24 -5.15
CA VAL A 36 4.21 2.20 -5.97
C VAL A 36 5.36 2.97 -5.31
N TRP A 37 6.53 2.88 -5.97
CA TRP A 37 7.80 3.50 -5.56
C TRP A 37 8.36 4.43 -6.64
N LEU A 38 8.01 4.22 -7.93
CA LEU A 38 8.48 5.03 -9.07
C LEU A 38 7.29 5.53 -9.91
N HIS A 39 6.60 4.62 -10.63
CA HIS A 39 5.56 4.96 -11.61
C HIS A 39 4.20 5.14 -10.90
N LEU A 1 2.24 -2.47 -12.74
CA LEU A 1 2.38 -3.94 -12.73
C LEU A 1 2.67 -4.51 -11.33
N THR A 2 3.63 -3.94 -10.59
CA THR A 2 4.03 -4.40 -9.25
C THR A 2 3.08 -3.89 -8.16
N GLY A 3 3.32 -4.36 -6.92
CA GLY A 3 2.58 -3.98 -5.71
C GLY A 3 3.56 -3.69 -4.57
N CYS A 4 3.50 -4.51 -3.51
CA CYS A 4 4.32 -4.40 -2.30
C CYS A 4 4.93 -5.75 -1.93
N LYS A 5 5.91 -5.72 -1.00
CA LYS A 5 6.74 -6.86 -0.61
C LYS A 5 6.76 -7.08 0.91
N GLY A 6 6.44 -6.04 1.71
CA GLY A 6 6.42 -6.07 3.17
C GLY A 6 7.79 -5.90 3.84
N LYS A 7 8.90 -6.14 3.12
CA LYS A 7 10.26 -6.02 3.63
C LYS A 7 10.66 -4.56 3.85
N GLY A 8 10.40 -3.69 2.87
CA GLY A 8 10.79 -2.28 2.87
C GLY A 8 9.75 -1.33 2.27
N GLY A 9 8.54 -1.83 1.98
CA GLY A 9 7.42 -1.01 1.54
C GLY A 9 6.86 -0.14 2.66
N GLU A 10 5.90 0.72 2.30
CA GLU A 10 5.30 1.70 3.21
C GLU A 10 3.78 1.71 3.10
N CYS A 11 3.15 1.85 4.27
CA CYS A 11 1.75 2.20 4.41
C CYS A 11 1.59 3.71 4.21
N ASN A 12 0.47 4.10 3.59
CA ASN A 12 0.12 5.47 3.21
C ASN A 12 -1.40 5.68 3.37
N PRO A 13 -1.89 6.94 3.36
CA PRO A 13 -3.33 7.22 3.33
C PRO A 13 -3.92 6.86 1.95
N LEU A 14 -5.26 6.78 1.90
CA LEU A 14 -6.03 6.61 0.66
C LEU A 14 -5.87 7.82 -0.26
N ASP A 15 -5.70 9.01 0.34
CA ASP A 15 -5.47 10.29 -0.33
C ASP A 15 -4.12 10.38 -1.07
N ARG A 16 -3.20 9.43 -0.82
CA ARG A 16 -1.91 9.35 -1.50
C ARG A 16 -2.12 9.02 -2.99
N GLN A 17 -1.44 9.76 -3.88
CA GLN A 17 -1.35 9.48 -5.31
C GLN A 17 -0.44 8.27 -5.55
N CYS A 18 -1.01 7.08 -5.35
CA CYS A 18 -0.34 5.80 -5.52
C CYS A 18 -1.37 4.67 -5.68
N LYS A 19 -0.87 3.45 -5.95
CA LYS A 19 -1.63 2.22 -6.12
C LYS A 19 -2.30 1.76 -4.81
N GLU A 20 -3.08 0.67 -4.89
CA GLU A 20 -3.76 0.01 -3.78
C GLU A 20 -3.68 -1.52 -3.95
N LEU A 21 -3.83 -2.26 -2.84
CA LEU A 21 -3.80 -3.72 -2.77
C LEU A 21 -4.99 -4.22 -1.92
N GLN A 22 -5.08 -5.55 -1.76
CA GLN A 22 -6.12 -6.23 -0.97
C GLN A 22 -5.53 -7.06 0.16
N ALA A 23 -4.38 -7.71 -0.07
CA ALA A 23 -3.63 -8.43 0.95
C ALA A 23 -2.81 -7.48 1.81
N GLU A 24 -2.12 -6.50 1.19
CA GLU A 24 -1.21 -5.60 1.89
C GLU A 24 -1.91 -4.34 2.45
N SER A 25 -3.13 -4.04 1.99
CA SER A 25 -3.94 -2.97 2.58
C SER A 25 -4.48 -3.37 3.97
N ALA A 26 -4.60 -4.67 4.25
CA ALA A 26 -4.92 -5.19 5.58
C ALA A 26 -3.71 -5.10 6.53
N SER A 27 -2.48 -5.08 6.00
CA SER A 27 -1.25 -4.89 6.77
C SER A 27 -1.12 -3.45 7.29
N CYS A 28 -1.70 -2.46 6.58
CA CYS A 28 -1.99 -1.14 7.12
C CYS A 28 -3.06 -1.27 8.21
N GLY A 29 -4.25 -1.78 7.83
CA GLY A 29 -5.43 -1.92 8.67
C GLY A 29 -6.66 -1.44 7.93
N LYS A 30 -7.03 -0.19 8.23
CA LYS A 30 -8.20 0.53 7.74
C LYS A 30 -7.88 2.02 7.54
N GLY A 31 -8.69 2.69 6.70
CA GLY A 31 -8.51 4.09 6.31
C GLY A 31 -7.23 4.37 5.50
N GLN A 32 -6.54 3.32 5.05
CA GLN A 32 -5.17 3.36 4.51
C GLN A 32 -5.01 2.31 3.39
N LYS A 33 -3.86 2.34 2.71
CA LYS A 33 -3.44 1.42 1.65
C LYS A 33 -1.92 1.35 1.56
N CYS A 34 -1.39 0.28 0.95
CA CYS A 34 0.03 0.19 0.60
C CYS A 34 0.33 1.07 -0.64
N CYS A 35 1.61 1.31 -0.91
CA CYS A 35 2.09 2.06 -2.07
C CYS A 35 3.36 1.41 -2.63
N VAL A 36 3.47 1.37 -3.96
CA VAL A 36 4.62 0.84 -4.71
C VAL A 36 5.87 1.68 -4.46
N TRP A 37 7.05 1.09 -4.71
CA TRP A 37 8.36 1.72 -4.56
C TRP A 37 8.75 2.52 -5.81
N LEU A 38 8.23 2.15 -6.98
CA LEU A 38 8.54 2.78 -8.27
C LEU A 38 7.81 4.13 -8.43
N HIS A 39 8.21 4.90 -9.46
CA HIS A 39 7.62 6.19 -9.79
C HIS A 39 6.31 6.04 -10.58
N LEU A 1 0.22 -11.60 -9.50
CA LEU A 1 1.27 -11.87 -8.51
C LEU A 1 1.29 -10.78 -7.44
N THR A 2 2.02 -9.70 -7.69
CA THR A 2 2.21 -8.55 -6.81
C THR A 2 2.30 -7.26 -7.63
N GLY A 3 2.00 -6.12 -6.99
CA GLY A 3 2.12 -4.78 -7.57
C GLY A 3 3.10 -3.90 -6.78
N CYS A 4 3.14 -4.08 -5.46
CA CYS A 4 4.11 -3.48 -4.54
C CYS A 4 5.33 -4.40 -4.35
N LYS A 5 6.35 -3.89 -3.65
CA LYS A 5 7.63 -4.56 -3.34
C LYS A 5 8.07 -4.37 -1.88
N GLY A 6 7.51 -3.37 -1.16
CA GLY A 6 7.84 -3.08 0.23
C GLY A 6 8.98 -2.08 0.43
N LYS A 7 9.75 -1.76 -0.63
CA LYS A 7 10.81 -0.76 -0.64
C LYS A 7 10.29 0.55 -1.22
N GLY A 8 9.78 0.51 -2.46
CA GLY A 8 9.16 1.64 -3.14
C GLY A 8 7.78 2.02 -2.60
N GLY A 9 7.29 1.29 -1.58
CA GLY A 9 6.00 1.48 -0.95
C GLY A 9 6.10 1.33 0.57
N GLU A 10 5.40 2.20 1.28
CA GLU A 10 5.22 2.21 2.73
C GLU A 10 3.77 2.56 3.10
N CYS A 11 3.45 2.50 4.40
CA CYS A 11 2.24 3.08 4.97
C CYS A 11 2.25 4.60 4.77
N ASN A 12 1.42 5.07 3.83
CA ASN A 12 1.24 6.47 3.46
C ASN A 12 -0.26 6.82 3.47
N PRO A 13 -0.62 8.12 3.58
CA PRO A 13 -2.00 8.56 3.53
C PRO A 13 -2.58 8.44 2.10
N LEU A 14 -3.90 8.36 2.03
CA LEU A 14 -4.70 8.38 0.80
C LEU A 14 -4.53 9.70 0.04
N ASP A 15 -4.33 10.81 0.78
CA ASP A 15 -4.04 12.14 0.26
C ASP A 15 -2.55 12.30 -0.10
N ARG A 16 -1.99 11.35 -0.87
CA ARG A 16 -0.64 11.39 -1.42
C ARG A 16 -0.64 11.07 -2.92
N GLN A 17 0.35 11.62 -3.64
CA GLN A 17 0.62 11.41 -5.06
C GLN A 17 1.23 10.03 -5.36
N CYS A 18 0.45 8.96 -5.20
CA CYS A 18 0.86 7.60 -5.57
C CYS A 18 -0.34 6.69 -5.86
N LYS A 19 -0.04 5.48 -6.38
CA LYS A 19 -1.00 4.47 -6.80
C LYS A 19 -1.73 3.82 -5.60
N GLU A 20 -2.82 3.09 -5.88
CA GLU A 20 -3.65 2.36 -4.94
C GLU A 20 -3.97 0.96 -5.49
N LEU A 21 -3.46 -0.07 -4.81
CA LEU A 21 -3.86 -1.48 -4.98
C LEU A 21 -5.16 -1.77 -4.22
N GLN A 22 -5.63 -3.02 -4.35
CA GLN A 22 -6.82 -3.55 -3.68
C GLN A 22 -6.45 -4.62 -2.65
N ALA A 23 -5.59 -5.58 -3.01
CA ALA A 23 -5.14 -6.66 -2.14
C ALA A 23 -4.24 -6.12 -1.02
N GLU A 24 -3.30 -5.22 -1.36
CA GLU A 24 -2.38 -4.61 -0.41
C GLU A 24 -2.98 -3.37 0.29
N SER A 25 -4.17 -2.90 -0.11
CA SER A 25 -4.85 -1.81 0.58
C SER A 25 -5.13 -2.16 2.06
N ALA A 26 -5.38 -3.44 2.35
CA ALA A 26 -5.61 -3.97 3.70
C ALA A 26 -4.37 -3.94 4.61
N SER A 27 -3.16 -3.66 4.06
CA SER A 27 -1.88 -3.79 4.75
C SER A 27 -1.76 -2.86 5.96
N CYS A 28 -2.06 -1.56 5.80
CA CYS A 28 -2.08 -0.60 6.90
C CYS A 28 -3.50 -0.39 7.49
N GLY A 29 -4.52 -1.01 6.88
CA GLY A 29 -5.87 -1.10 7.42
C GLY A 29 -6.93 -0.66 6.39
N LYS A 30 -7.69 0.37 6.75
CA LYS A 30 -8.86 0.88 6.05
C LYS A 30 -8.82 2.40 5.86
N GLY A 31 -7.60 2.96 5.76
CA GLY A 31 -7.28 4.37 5.67
C GLY A 31 -5.99 4.62 4.88
N GLN A 32 -5.47 3.63 4.14
CA GLN A 32 -4.20 3.68 3.43
C GLN A 32 -4.33 3.29 1.95
N LYS A 33 -3.20 3.27 1.26
CA LYS A 33 -3.04 2.73 -0.09
C LYS A 33 -1.59 2.28 -0.32
N CYS A 34 -1.42 1.20 -1.10
CA CYS A 34 -0.12 0.63 -1.38
C CYS A 34 0.53 1.33 -2.57
N CYS A 35 1.47 2.23 -2.27
CA CYS A 35 2.25 2.99 -3.22
C CYS A 35 3.30 2.09 -3.90
N VAL A 36 3.65 2.44 -5.15
CA VAL A 36 4.66 1.79 -5.97
C VAL A 36 5.69 2.84 -6.47
N TRP A 37 6.60 2.43 -7.36
CA TRP A 37 7.68 3.26 -7.87
C TRP A 37 7.18 4.57 -8.51
N LEU A 38 6.21 4.45 -9.43
CA LEU A 38 5.60 5.54 -10.17
C LEU A 38 4.11 5.63 -9.83
N HIS A 39 3.58 6.86 -9.71
CA HIS A 39 2.19 7.11 -9.30
C HIS A 39 1.17 6.58 -10.31
N LEU A 1 1.10 -11.43 -4.98
CA LEU A 1 1.34 -11.78 -3.56
C LEU A 1 2.44 -10.93 -2.91
N THR A 2 3.38 -10.38 -3.71
CA THR A 2 4.47 -9.53 -3.22
C THR A 2 4.48 -8.17 -3.95
N GLY A 3 5.19 -7.19 -3.37
CA GLY A 3 5.32 -5.85 -3.91
C GLY A 3 6.12 -4.97 -2.96
N CYS A 4 5.44 -4.41 -1.95
CA CYS A 4 6.02 -3.46 -1.00
C CYS A 4 7.16 -4.06 -0.17
N LYS A 5 6.98 -5.29 0.36
CA LYS A 5 7.97 -5.99 1.18
C LYS A 5 9.28 -6.29 0.42
N GLY A 6 9.25 -6.32 -0.93
CA GLY A 6 10.39 -6.62 -1.77
C GLY A 6 11.53 -5.59 -1.69
N LYS A 7 11.21 -4.36 -1.24
CA LYS A 7 12.17 -3.28 -0.98
C LYS A 7 11.95 -2.60 0.39
N GLY A 8 10.95 -3.06 1.17
CA GLY A 8 10.65 -2.63 2.53
C GLY A 8 9.27 -1.95 2.64
N GLY A 9 8.96 -1.05 1.69
CA GLY A 9 7.67 -0.35 1.61
C GLY A 9 7.54 0.78 2.63
N GLU A 10 6.46 1.58 2.50
CA GLU A 10 6.10 2.63 3.45
C GLU A 10 4.59 2.67 3.62
N CYS A 11 4.13 2.77 4.88
CA CYS A 11 2.74 3.01 5.23
C CYS A 11 2.45 4.50 5.12
N ASN A 12 1.63 4.86 4.12
CA ASN A 12 1.21 6.22 3.83
C ASN A 12 -0.23 6.45 4.34
N PRO A 13 -0.62 7.71 4.61
CA PRO A 13 -2.00 8.06 4.96
C PRO A 13 -2.90 7.95 3.72
N LEU A 14 -4.17 7.60 3.93
CA LEU A 14 -5.18 7.39 2.90
C LEU A 14 -5.45 8.67 2.08
N ASP A 15 -5.28 9.84 2.72
CA ASP A 15 -5.34 11.16 2.09
C ASP A 15 -4.35 11.33 0.93
N ARG A 16 -3.23 10.60 0.93
CA ARG A 16 -2.20 10.64 -0.10
C ARG A 16 -2.66 9.90 -1.37
N GLN A 17 -2.55 10.58 -2.51
CA GLN A 17 -2.83 10.03 -3.83
C GLN A 17 -1.61 9.26 -4.36
N CYS A 18 -1.70 7.92 -4.33
CA CYS A 18 -0.76 7.01 -4.98
C CYS A 18 -1.47 5.77 -5.51
N LYS A 19 -0.72 4.87 -6.15
CA LYS A 19 -1.19 3.55 -6.59
C LYS A 19 -1.36 2.64 -5.37
N GLU A 20 -2.56 2.61 -4.80
CA GLU A 20 -2.92 1.78 -3.66
C GLU A 20 -2.95 0.30 -4.06
N LEU A 21 -2.25 -0.54 -3.27
CA LEU A 21 -2.16 -1.99 -3.39
C LEU A 21 -3.48 -2.66 -2.94
N GLN A 22 -3.56 -3.99 -2.98
CA GLN A 22 -4.76 -4.75 -2.59
C GLN A 22 -4.51 -5.71 -1.43
N ALA A 23 -3.34 -6.36 -1.38
CA ALA A 23 -2.91 -7.24 -0.31
C ALA A 23 -1.89 -6.57 0.61
N GLU A 24 -1.09 -5.65 0.08
CA GLU A 24 -0.08 -4.88 0.82
C GLU A 24 -0.68 -3.58 1.39
N SER A 25 -1.84 -3.13 0.88
CA SER A 25 -2.62 -2.04 1.47
C SER A 25 -3.19 -2.47 2.83
N ALA A 26 -3.65 -3.73 2.94
CA ALA A 26 -4.18 -4.32 4.16
C ALA A 26 -3.11 -4.61 5.22
N SER A 27 -1.81 -4.54 4.87
CA SER A 27 -0.69 -4.94 5.71
C SER A 27 -0.55 -4.10 6.98
N CYS A 28 -0.60 -2.76 6.87
CA CYS A 28 -0.41 -1.85 8.00
C CYS A 28 -1.63 -1.76 8.93
N GLY A 29 -2.76 -2.36 8.54
CA GLY A 29 -4.03 -2.32 9.25
C GLY A 29 -4.92 -1.15 8.80
N LYS A 30 -6.16 -1.15 9.30
CA LYS A 30 -7.20 -0.19 8.96
C LYS A 30 -6.77 1.21 9.40
N GLY A 31 -6.68 2.15 8.43
CA GLY A 31 -6.29 3.53 8.62
C GLY A 31 -5.08 3.95 7.76
N GLN A 32 -4.36 2.99 7.16
CA GLN A 32 -3.20 3.22 6.29
C GLN A 32 -3.23 2.27 5.09
N LYS A 33 -2.33 2.53 4.13
CA LYS A 33 -2.13 1.73 2.92
C LYS A 33 -0.67 1.81 2.44
N CYS A 34 -0.33 1.03 1.40
CA CYS A 34 0.97 1.11 0.73
C CYS A 34 0.84 1.85 -0.61
N CYS A 35 1.98 2.27 -1.17
CA CYS A 35 2.13 2.91 -2.48
C CYS A 35 3.08 2.10 -3.36
N VAL A 36 3.41 2.63 -4.55
CA VAL A 36 4.40 2.05 -5.47
C VAL A 36 5.69 1.67 -4.73
N TRP A 37 6.18 0.45 -5.02
CA TRP A 37 7.40 -0.11 -4.45
C TRP A 37 8.67 0.61 -4.93
N LEU A 38 8.60 1.27 -6.11
CA LEU A 38 9.67 2.12 -6.66
C LEU A 38 9.79 3.44 -5.89
N HIS A 39 10.86 4.19 -6.18
CA HIS A 39 11.15 5.49 -5.56
C HIS A 39 11.17 6.59 -6.63
N LEU A 1 1.59 -3.78 -13.06
CA LEU A 1 2.02 -5.06 -12.48
C LEU A 1 1.52 -5.16 -11.04
N THR A 2 0.71 -6.20 -10.78
CA THR A 2 0.07 -6.47 -9.49
C THR A 2 1.08 -7.03 -8.49
N GLY A 3 0.94 -6.64 -7.23
CA GLY A 3 1.73 -7.06 -6.09
C GLY A 3 2.63 -5.95 -5.55
N CYS A 4 3.07 -6.15 -4.31
CA CYS A 4 3.98 -5.29 -3.56
C CYS A 4 5.07 -6.12 -2.86
N LYS A 5 6.02 -5.45 -2.18
CA LYS A 5 7.11 -6.09 -1.43
C LYS A 5 7.31 -5.54 -0.01
N GLY A 6 6.79 -4.33 0.29
CA GLY A 6 6.80 -3.74 1.63
C GLY A 6 8.13 -3.08 2.04
N LYS A 7 9.15 -3.09 1.17
CA LYS A 7 10.45 -2.45 1.39
C LYS A 7 10.53 -1.14 0.58
N GLY A 8 10.39 -1.24 -0.74
CA GLY A 8 10.47 -0.10 -1.67
C GLY A 8 9.22 0.78 -1.68
N GLY A 9 8.15 0.38 -0.99
CA GLY A 9 6.92 1.14 -0.82
C GLY A 9 6.35 0.98 0.59
N GLU A 10 5.31 1.77 0.89
CA GLU A 10 4.71 1.89 2.22
C GLU A 10 3.17 1.95 2.15
N CYS A 11 2.56 1.86 3.33
CA CYS A 11 1.13 2.05 3.56
C CYS A 11 0.79 3.54 3.58
N ASN A 12 0.70 4.13 2.39
CA ASN A 12 0.40 5.54 2.16
C ASN A 12 -1.10 5.85 2.34
N PRO A 13 -1.47 7.12 2.62
CA PRO A 13 -2.86 7.53 2.73
C PRO A 13 -3.55 7.46 1.36
N LEU A 14 -4.88 7.28 1.37
CA LEU A 14 -5.72 7.18 0.18
C LEU A 14 -5.72 8.46 -0.65
N ASP A 15 -5.60 9.60 0.04
CA ASP A 15 -5.48 10.95 -0.52
C ASP A 15 -4.22 11.15 -1.38
N ARG A 16 -3.22 10.25 -1.28
CA ARG A 16 -2.06 10.20 -2.17
C ARG A 16 -2.53 9.77 -3.56
N GLN A 17 -2.13 10.53 -4.59
CA GLN A 17 -2.32 10.15 -6.00
C GLN A 17 -1.35 9.03 -6.35
N CYS A 18 -1.83 7.78 -6.25
CA CYS A 18 -1.09 6.56 -6.52
C CYS A 18 -2.05 5.40 -6.77
N LYS A 19 -1.48 4.23 -7.10
CA LYS A 19 -2.20 2.96 -7.27
C LYS A 19 -2.84 2.52 -5.94
N GLU A 20 -3.81 1.63 -6.02
CA GLU A 20 -4.45 0.95 -4.89
C GLU A 20 -4.65 -0.52 -5.27
N LEU A 21 -3.89 -1.40 -4.60
CA LEU A 21 -4.03 -2.86 -4.62
C LEU A 21 -5.31 -3.27 -3.85
N GLN A 22 -5.65 -4.57 -3.87
CA GLN A 22 -6.88 -5.09 -3.24
C GLN A 22 -6.61 -6.08 -2.10
N ALA A 23 -5.45 -6.74 -2.11
CA ALA A 23 -5.03 -7.73 -1.12
C ALA A 23 -3.73 -7.34 -0.41
N GLU A 24 -2.92 -6.45 -1.01
CA GLU A 24 -1.75 -5.85 -0.37
C GLU A 24 -2.11 -4.53 0.34
N SER A 25 -3.23 -3.89 -0.04
CA SER A 25 -3.84 -2.80 0.71
C SER A 25 -4.58 -3.31 1.96
N ALA A 26 -5.03 -4.58 1.95
CA ALA A 26 -5.63 -5.24 3.12
C ALA A 26 -4.57 -5.54 4.19
N SER A 27 -3.30 -5.70 3.79
CA SER A 27 -2.16 -5.86 4.68
C SER A 27 -1.86 -4.57 5.46
N CYS A 28 -2.15 -3.40 4.86
CA CYS A 28 -2.08 -2.09 5.50
C CYS A 28 -3.26 -1.81 6.45
N GLY A 29 -4.29 -2.66 6.44
CA GLY A 29 -5.46 -2.59 7.29
C GLY A 29 -6.59 -1.87 6.57
N LYS A 30 -6.95 -0.69 7.09
CA LYS A 30 -7.96 0.23 6.57
C LYS A 30 -7.47 1.68 6.64
N GLY A 31 -7.98 2.54 5.74
CA GLY A 31 -7.60 3.94 5.64
C GLY A 31 -6.27 4.19 4.92
N GLN A 32 -5.54 3.14 4.52
CA GLN A 32 -4.30 3.19 3.76
C GLN A 32 -4.35 2.18 2.59
N LYS A 33 -3.34 2.24 1.71
CA LYS A 33 -3.15 1.33 0.58
C LYS A 33 -1.67 1.11 0.29
N CYS A 34 -1.35 0.08 -0.51
CA CYS A 34 -0.04 -0.05 -1.11
C CYS A 34 0.05 0.91 -2.31
N CYS A 35 1.17 1.63 -2.41
CA CYS A 35 1.48 2.56 -3.48
C CYS A 35 2.77 2.12 -4.19
N VAL A 36 2.71 2.10 -5.53
CA VAL A 36 3.84 1.79 -6.41
C VAL A 36 4.94 2.83 -6.29
N TRP A 37 6.19 2.35 -6.40
CA TRP A 37 7.40 3.17 -6.50
C TRP A 37 7.61 3.74 -7.92
N LEU A 38 6.93 3.17 -8.93
CA LEU A 38 6.94 3.66 -10.31
C LEU A 38 6.10 4.93 -10.44
N HIS A 39 6.40 5.72 -11.49
CA HIS A 39 5.67 6.95 -11.85
C HIS A 39 4.28 6.60 -12.40
N LEU A 1 5.90 -3.48 12.18
CA LEU A 1 5.96 -4.34 10.99
C LEU A 1 5.04 -3.80 9.89
N THR A 2 5.62 -3.59 8.71
CA THR A 2 4.94 -3.08 7.51
C THR A 2 4.00 -4.13 6.91
N GLY A 3 3.02 -3.66 6.12
CA GLY A 3 2.11 -4.48 5.34
C GLY A 3 2.59 -4.74 3.90
N CYS A 4 3.77 -4.23 3.52
CA CYS A 4 4.31 -4.22 2.17
C CYS A 4 5.65 -5.00 2.09
N LYS A 5 6.24 -5.05 0.89
CA LYS A 5 7.51 -5.74 0.63
C LYS A 5 8.72 -5.04 1.26
N GLY A 6 8.65 -3.71 1.41
CA GLY A 6 9.68 -2.85 2.01
C GLY A 6 10.78 -2.41 1.04
N LYS A 7 11.05 -3.20 -0.01
CA LYS A 7 12.07 -2.92 -1.03
C LYS A 7 11.74 -1.71 -1.91
N GLY A 8 10.46 -1.42 -2.15
CA GLY A 8 10.01 -0.31 -2.99
C GLY A 8 8.62 0.21 -2.65
N GLY A 9 7.74 -0.66 -2.12
CA GLY A 9 6.45 -0.28 -1.56
C GLY A 9 6.51 -0.32 -0.02
N GLU A 10 5.87 0.65 0.62
CA GLU A 10 5.81 0.81 2.08
C GLU A 10 4.40 1.19 2.53
N CYS A 11 4.14 1.03 3.83
CA CYS A 11 2.84 1.28 4.44
C CYS A 11 2.67 2.78 4.69
N ASN A 12 1.73 3.40 3.96
CA ASN A 12 1.46 4.84 3.96
C ASN A 12 0.02 5.12 4.47
N PRO A 13 -0.29 6.36 4.91
CA PRO A 13 -1.66 6.75 5.23
C PRO A 13 -2.51 6.84 3.95
N LEU A 14 -3.83 6.70 4.13
CA LEU A 14 -4.83 6.80 3.07
C LEU A 14 -4.87 8.19 2.44
N ASP A 15 -4.51 9.22 3.23
CA ASP A 15 -4.39 10.61 2.81
C ASP A 15 -3.43 10.80 1.63
N ARG A 16 -2.38 9.95 1.51
CA ARG A 16 -1.40 9.98 0.44
C ARG A 16 -1.99 9.38 -0.84
N GLN A 17 -1.78 10.05 -1.98
CA GLN A 17 -2.29 9.66 -3.29
C GLN A 17 -1.20 8.99 -4.13
N CYS A 18 -1.28 7.67 -4.27
CA CYS A 18 -0.42 6.85 -5.12
C CYS A 18 -1.23 5.68 -5.69
N LYS A 19 -1.48 4.66 -4.86
CA LYS A 19 -2.28 3.48 -5.17
C LYS A 19 -2.89 2.95 -3.85
N GLU A 20 -3.92 2.10 -3.98
CA GLU A 20 -4.56 1.44 -2.86
C GLU A 20 -4.95 0.02 -3.27
N LEU A 21 -4.08 -0.94 -2.91
CA LEU A 21 -4.24 -2.38 -3.11
C LEU A 21 -5.44 -2.91 -2.32
N GLN A 22 -5.79 -4.18 -2.54
CA GLN A 22 -6.91 -4.85 -1.87
C GLN A 22 -6.42 -5.85 -0.81
N ALA A 23 -5.42 -6.68 -1.14
CA ALA A 23 -4.82 -7.63 -0.22
C ALA A 23 -3.69 -7.00 0.59
N GLU A 24 -2.90 -6.10 -0.01
CA GLU A 24 -1.72 -5.51 0.61
C GLU A 24 -2.06 -4.31 1.50
N SER A 25 -3.15 -3.59 1.21
CA SER A 25 -3.70 -2.56 2.10
C SER A 25 -4.39 -3.20 3.31
N ALA A 26 -4.92 -4.43 3.17
CA ALA A 26 -5.47 -5.21 4.27
C ALA A 26 -4.36 -5.81 5.16
N SER A 27 -3.16 -6.04 4.63
CA SER A 27 -1.97 -6.42 5.39
C SER A 27 -1.44 -5.23 6.20
N CYS A 28 -1.54 -4.01 5.66
CA CYS A 28 -1.35 -2.74 6.39
C CYS A 28 -2.45 -2.49 7.43
N GLY A 29 -3.60 -3.16 7.31
CA GLY A 29 -4.76 -3.02 8.18
C GLY A 29 -5.67 -1.85 7.77
N LYS A 30 -6.87 -1.82 8.36
CA LYS A 30 -7.86 -0.76 8.18
C LYS A 30 -7.37 0.56 8.79
N GLY A 31 -7.10 1.54 7.92
CA GLY A 31 -6.60 2.86 8.28
C GLY A 31 -5.32 3.25 7.52
N GLN A 32 -4.66 2.29 6.85
CA GLN A 32 -3.45 2.48 6.06
C GLN A 32 -3.59 1.73 4.72
N LYS A 33 -2.64 1.95 3.81
CA LYS A 33 -2.57 1.34 2.48
C LYS A 33 -1.12 1.13 2.02
N CYS A 34 -0.94 0.58 0.82
CA CYS A 34 0.37 0.42 0.19
C CYS A 34 0.41 1.13 -1.18
N CYS A 35 1.55 1.74 -1.51
CA CYS A 35 1.86 2.38 -2.79
C CYS A 35 2.69 1.45 -3.67
N VAL A 36 2.61 1.63 -5.00
CA VAL A 36 3.44 0.95 -5.99
C VAL A 36 4.92 1.24 -5.77
N TRP A 37 5.75 0.22 -6.01
CA TRP A 37 7.20 0.31 -6.04
C TRP A 37 7.74 1.04 -7.28
N LEU A 38 6.91 1.22 -8.32
CA LEU A 38 7.22 1.95 -9.54
C LEU A 38 7.04 3.45 -9.28
N HIS A 39 8.10 4.23 -9.56
CA HIS A 39 8.12 5.69 -9.51
C HIS A 39 8.54 6.28 -10.85
N LEU A 1 -2.55 -11.47 -5.23
CA LEU A 1 -2.40 -10.16 -5.91
C LEU A 1 -1.14 -9.46 -5.41
N THR A 2 -0.29 -9.05 -6.34
CA THR A 2 0.96 -8.31 -6.09
C THR A 2 0.65 -6.92 -5.57
N GLY A 3 0.94 -6.70 -4.27
CA GLY A 3 0.64 -5.48 -3.54
C GLY A 3 1.90 -4.93 -2.88
N CYS A 4 2.22 -5.44 -1.69
CA CYS A 4 3.37 -5.03 -0.88
C CYS A 4 4.06 -6.23 -0.23
N LYS A 5 5.09 -5.97 0.60
CA LYS A 5 5.87 -6.98 1.31
C LYS A 5 5.64 -6.88 2.83
N GLY A 6 5.66 -5.66 3.38
CA GLY A 6 5.47 -5.38 4.80
C GLY A 6 6.37 -4.22 5.23
N LYS A 7 7.68 -4.45 5.20
CA LYS A 7 8.71 -3.48 5.56
C LYS A 7 9.04 -2.51 4.42
N GLY A 8 8.98 -2.97 3.16
CA GLY A 8 9.33 -2.19 1.97
C GLY A 8 8.39 -1.00 1.69
N GLY A 9 7.22 -0.99 2.35
CA GLY A 9 6.25 0.09 2.35
C GLY A 9 5.78 0.38 3.79
N GLU A 10 4.78 1.26 3.93
CA GLU A 10 4.21 1.64 5.22
C GLU A 10 2.69 1.78 5.12
N CYS A 11 2.06 1.72 6.30
CA CYS A 11 0.65 1.97 6.53
C CYS A 11 0.37 3.47 6.47
N ASN A 12 -0.03 3.94 5.29
CA ASN A 12 -0.36 5.33 5.01
C ASN A 12 -1.83 5.62 5.37
N PRO A 13 -2.19 6.89 5.62
CA PRO A 13 -3.57 7.29 5.85
C PRO A 13 -4.38 7.18 4.56
N LEU A 14 -5.70 6.96 4.69
CA LEU A 14 -6.61 6.78 3.56
C LEU A 14 -6.74 8.05 2.72
N ASP A 15 -6.62 9.22 3.38
CA ASP A 15 -6.58 10.54 2.76
C ASP A 15 -5.37 10.76 1.82
N ARG A 16 -4.34 9.90 1.88
CA ARG A 16 -3.18 9.94 0.98
C ARG A 16 -3.61 9.64 -0.46
N GLN A 17 -3.12 10.45 -1.41
CA GLN A 17 -3.26 10.23 -2.85
C GLN A 17 -2.30 9.12 -3.31
N CYS A 18 -2.62 7.88 -2.95
CA CYS A 18 -1.86 6.67 -3.31
C CYS A 18 -2.80 5.47 -3.43
N LYS A 19 -2.26 4.33 -3.85
CA LYS A 19 -2.99 3.08 -4.09
C LYS A 19 -3.56 2.51 -2.80
N GLU A 20 -4.58 1.65 -2.94
CA GLU A 20 -5.24 0.91 -1.88
C GLU A 20 -5.54 -0.50 -2.38
N LEU A 21 -4.86 -1.48 -1.79
CA LEU A 21 -5.03 -2.91 -2.00
C LEU A 21 -6.32 -3.42 -1.33
N GLN A 22 -6.50 -4.76 -1.28
CA GLN A 22 -7.72 -5.40 -0.78
C GLN A 22 -7.49 -6.40 0.35
N ALA A 23 -6.30 -7.01 0.38
CA ALA A 23 -5.85 -7.94 1.42
C ALA A 23 -4.60 -7.43 2.13
N GLU A 24 -3.80 -6.60 1.44
CA GLU A 24 -2.60 -5.95 1.96
C GLU A 24 -2.92 -4.61 2.63
N SER A 25 -4.03 -3.95 2.24
CA SER A 25 -4.58 -2.81 2.96
C SER A 25 -5.13 -3.24 4.34
N ALA A 26 -5.74 -4.43 4.42
CA ALA A 26 -6.27 -5.01 5.65
C ALA A 26 -5.18 -5.44 6.63
N SER A 27 -3.93 -5.64 6.15
CA SER A 27 -2.77 -5.94 6.99
C SER A 27 -2.45 -4.77 7.94
N CYS A 28 -2.66 -3.52 7.48
CA CYS A 28 -2.52 -2.29 8.26
C CYS A 28 -3.68 -2.04 9.23
N GLY A 29 -4.78 -2.78 9.10
CA GLY A 29 -5.99 -2.64 9.90
C GLY A 29 -6.99 -1.64 9.30
N LYS A 30 -8.18 -1.55 9.90
CA LYS A 30 -9.28 -0.70 9.46
C LYS A 30 -9.00 0.75 9.86
N GLY A 31 -8.56 1.56 8.89
CA GLY A 31 -8.21 2.97 9.05
C GLY A 31 -6.96 3.39 8.25
N GLN A 32 -6.24 2.42 7.67
CA GLN A 32 -5.01 2.63 6.88
C GLN A 32 -4.99 1.65 5.69
N LYS A 33 -4.02 1.86 4.78
CA LYS A 33 -3.77 1.02 3.61
C LYS A 33 -2.28 0.97 3.27
N CYS A 34 -1.90 0.08 2.34
CA CYS A 34 -0.53 0.04 1.80
C CYS A 34 -0.42 0.92 0.56
N CYS A 35 0.41 1.97 0.65
CA CYS A 35 0.83 2.78 -0.50
C CYS A 35 2.04 2.13 -1.19
N VAL A 36 2.07 2.20 -2.52
CA VAL A 36 3.18 1.74 -3.36
C VAL A 36 4.41 2.64 -3.21
N TRP A 37 5.53 2.22 -3.83
CA TRP A 37 6.84 2.84 -3.79
C TRP A 37 7.38 3.18 -5.19
N LEU A 38 6.80 2.59 -6.24
CA LEU A 38 7.12 2.82 -7.66
C LEU A 38 5.81 2.98 -8.42
N HIS A 39 5.51 4.21 -8.87
CA HIS A 39 4.27 4.59 -9.52
C HIS A 39 4.57 5.43 -10.78
N LEU A 1 13.25 -5.70 1.66
CA LEU A 1 12.49 -4.78 2.54
C LEU A 1 11.19 -4.27 1.90
N THR A 2 11.11 -4.22 0.56
CA THR A 2 9.95 -3.76 -0.19
C THR A 2 9.81 -4.54 -1.51
N GLY A 3 8.64 -4.40 -2.16
CA GLY A 3 8.27 -5.05 -3.42
C GLY A 3 6.81 -5.47 -3.39
N CYS A 4 5.95 -4.75 -4.12
CA CYS A 4 4.51 -5.04 -4.26
C CYS A 4 4.24 -6.44 -4.83
N LYS A 5 5.22 -7.02 -5.52
CA LYS A 5 5.19 -8.36 -6.11
C LYS A 5 4.95 -9.49 -5.09
N GLY A 6 5.35 -9.30 -3.82
CA GLY A 6 5.18 -10.28 -2.74
C GLY A 6 6.04 -10.07 -1.50
N LYS A 7 7.00 -9.13 -1.53
CA LYS A 7 7.82 -8.74 -0.37
C LYS A 7 7.03 -7.91 0.66
N GLY A 8 5.91 -7.29 0.27
CA GLY A 8 5.03 -6.50 1.11
C GLY A 8 4.71 -5.12 0.53
N GLY A 9 5.66 -4.52 -0.21
CA GLY A 9 5.54 -3.19 -0.81
C GLY A 9 5.75 -2.05 0.20
N GLU A 10 5.83 -0.82 -0.33
CA GLU A 10 5.89 0.39 0.49
C GLU A 10 4.53 0.70 1.12
N CYS A 11 4.57 1.42 2.24
CA CYS A 11 3.40 1.77 3.04
C CYS A 11 3.18 3.28 2.94
N ASN A 12 2.15 3.64 2.16
CA ASN A 12 1.77 4.99 1.79
C ASN A 12 0.26 5.18 2.02
N PRO A 13 -0.22 6.43 2.18
CA PRO A 13 -1.64 6.70 2.42
C PRO A 13 -2.48 6.38 1.18
N LEU A 14 -3.77 6.14 1.41
CA LEU A 14 -4.77 5.83 0.39
C LEU A 14 -4.94 6.99 -0.60
N ASP A 15 -4.78 8.23 -0.12
CA ASP A 15 -4.84 9.47 -0.89
C ASP A 15 -3.76 9.58 -1.99
N ARG A 16 -2.69 8.78 -1.92
CA ARG A 16 -1.61 8.76 -2.92
C ARG A 16 -2.16 8.32 -4.28
N GLN A 17 -1.85 9.11 -5.32
CA GLN A 17 -2.33 8.88 -6.68
C GLN A 17 -1.37 7.95 -7.45
N CYS A 18 -1.50 6.65 -7.19
CA CYS A 18 -0.78 5.57 -7.86
C CYS A 18 -1.55 4.25 -7.79
N LYS A 19 -0.97 3.18 -8.35
CA LYS A 19 -1.50 1.81 -8.33
C LYS A 19 -1.47 1.23 -6.92
N GLU A 20 -2.23 0.14 -6.70
CA GLU A 20 -2.26 -0.57 -5.42
C GLU A 20 -2.66 -2.05 -5.60
N LEU A 21 -2.78 -2.77 -4.47
CA LEU A 21 -3.25 -4.15 -4.38
C LEU A 21 -4.31 -4.28 -3.27
N GLN A 22 -4.79 -5.51 -3.03
CA GLN A 22 -5.77 -5.83 -1.99
C GLN A 22 -5.15 -6.71 -0.89
N ALA A 23 -4.31 -7.68 -1.26
CA ALA A 23 -3.61 -8.56 -0.32
C ALA A 23 -2.40 -7.87 0.31
N GLU A 24 -1.63 -7.10 -0.49
CA GLU A 24 -0.43 -6.40 -0.04
C GLU A 24 -0.75 -5.04 0.59
N SER A 25 -1.93 -4.46 0.28
CA SER A 25 -2.45 -3.28 0.97
C SER A 25 -2.67 -3.58 2.46
N ALA A 26 -3.24 -4.76 2.78
CA ALA A 26 -3.47 -5.24 4.13
C ALA A 26 -2.16 -5.58 4.87
N SER A 27 -1.05 -5.84 4.16
CA SER A 27 0.26 -6.11 4.75
C SER A 27 0.84 -4.88 5.46
N CYS A 28 0.57 -3.67 4.93
CA CYS A 28 1.00 -2.40 5.50
C CYS A 28 0.14 -1.89 6.67
N GLY A 29 -1.00 -2.54 6.95
CA GLY A 29 -1.85 -2.23 8.09
C GLY A 29 -3.02 -1.31 7.73
N LYS A 30 -3.82 -1.02 8.76
CA LYS A 30 -5.08 -0.27 8.70
C LYS A 30 -4.85 1.16 8.21
N GLY A 31 -5.39 1.50 7.03
CA GLY A 31 -5.36 2.83 6.45
C GLY A 31 -4.19 3.08 5.48
N GLN A 32 -3.43 2.04 5.13
CA GLN A 32 -2.33 2.08 4.16
C GLN A 32 -2.65 1.20 2.95
N LYS A 33 -1.87 1.36 1.87
CA LYS A 33 -1.96 0.58 0.64
C LYS A 33 -0.57 0.40 -0.01
N CYS A 34 -0.52 -0.35 -1.14
CA CYS A 34 0.71 -0.46 -1.94
C CYS A 34 0.82 0.71 -2.94
N CYS A 35 2.03 0.90 -3.49
CA CYS A 35 2.32 1.85 -4.56
C CYS A 35 3.62 1.44 -5.27
N VAL A 36 3.51 1.19 -6.57
CA VAL A 36 4.63 0.89 -7.46
C VAL A 36 5.47 2.15 -7.77
N TRP A 37 6.50 2.00 -8.59
CA TRP A 37 7.48 3.04 -8.90
C TRP A 37 7.76 3.19 -10.40
N LEU A 38 7.78 2.09 -11.15
CA LEU A 38 8.01 2.06 -12.60
C LEU A 38 6.89 1.28 -13.28
N HIS A 39 6.15 1.97 -14.17
CA HIS A 39 4.96 1.50 -14.90
C HIS A 39 3.99 0.71 -13.99
N LEU A 1 3.02 -8.82 -4.26
CA LEU A 1 4.28 -8.42 -4.86
C LEU A 1 4.12 -7.21 -5.80
N THR A 2 3.00 -7.10 -6.53
CA THR A 2 2.76 -6.12 -7.58
C THR A 2 2.55 -4.70 -7.02
N GLY A 3 2.06 -4.56 -5.77
CA GLY A 3 1.76 -3.29 -5.10
C GLY A 3 2.37 -3.15 -3.70
N CYS A 4 2.79 -4.24 -3.06
CA CYS A 4 3.52 -4.25 -1.79
C CYS A 4 4.60 -5.34 -1.81
N LYS A 5 5.64 -5.19 -0.99
CA LYS A 5 6.77 -6.10 -0.91
C LYS A 5 6.38 -7.42 -0.23
N GLY A 6 5.89 -7.38 1.02
CA GLY A 6 5.35 -8.56 1.69
C GLY A 6 5.28 -8.47 3.22
N LYS A 7 6.05 -7.58 3.86
CA LYS A 7 6.04 -7.38 5.32
C LYS A 7 4.85 -6.54 5.80
N GLY A 8 4.15 -5.84 4.89
CA GLY A 8 2.94 -5.06 5.14
C GLY A 8 2.84 -3.79 4.27
N GLY A 9 3.94 -3.38 3.62
CA GLY A 9 4.05 -2.14 2.87
C GLY A 9 4.16 -0.92 3.77
N GLU A 10 4.35 0.26 3.16
CA GLU A 10 4.34 1.55 3.86
C GLU A 10 2.90 1.93 4.20
N CYS A 11 2.68 2.05 5.51
CA CYS A 11 1.37 2.18 6.13
C CYS A 11 0.94 3.64 6.17
N ASN A 12 0.29 4.07 5.08
CA ASN A 12 -0.21 5.40 4.84
C ASN A 12 -1.64 5.54 5.40
N PRO A 13 -2.13 6.78 5.59
CA PRO A 13 -3.54 7.03 5.90
C PRO A 13 -4.40 6.71 4.67
N LEU A 14 -5.68 6.39 4.92
CA LEU A 14 -6.66 6.05 3.90
C LEU A 14 -6.90 7.24 2.96
N ASP A 15 -6.93 8.46 3.51
CA ASP A 15 -7.04 9.72 2.79
C ASP A 15 -5.67 10.15 2.21
N ARG A 16 -5.15 9.35 1.27
CA ARG A 16 -3.93 9.62 0.53
C ARG A 16 -4.12 9.38 -0.97
N GLN A 17 -3.37 10.16 -1.77
CA GLN A 17 -3.31 10.12 -3.23
C GLN A 17 -2.56 8.89 -3.81
N CYS A 18 -2.43 7.82 -3.04
CA CYS A 18 -1.73 6.59 -3.41
C CYS A 18 -2.71 5.42 -3.62
N LYS A 19 -2.18 4.27 -4.07
CA LYS A 19 -2.90 3.02 -4.28
C LYS A 19 -3.40 2.45 -2.94
N GLU A 20 -4.39 1.55 -2.99
CA GLU A 20 -4.92 0.79 -1.87
C GLU A 20 -5.21 -0.65 -2.32
N LEU A 21 -4.45 -1.60 -1.77
CA LEU A 21 -4.63 -3.04 -1.96
C LEU A 21 -5.86 -3.56 -1.20
N GLN A 22 -6.19 -4.85 -1.36
CA GLN A 22 -7.38 -5.48 -0.78
C GLN A 22 -7.07 -6.59 0.23
N ALA A 23 -5.86 -7.17 0.15
CA ALA A 23 -5.36 -8.19 1.06
C ALA A 23 -4.18 -7.71 1.92
N GLU A 24 -3.55 -6.58 1.55
CA GLU A 24 -2.35 -6.04 2.19
C GLU A 24 -2.57 -4.64 2.77
N SER A 25 -3.74 -4.02 2.55
CA SER A 25 -4.18 -2.83 3.27
C SER A 25 -4.42 -3.15 4.75
N ALA A 26 -5.10 -4.28 5.05
CA ALA A 26 -5.38 -4.76 6.39
C ALA A 26 -4.14 -5.31 7.11
N SER A 27 -3.03 -5.57 6.40
CA SER A 27 -1.76 -6.00 6.98
C SER A 27 -1.11 -4.88 7.81
N CYS A 28 -1.29 -3.62 7.42
CA CYS A 28 -0.91 -2.44 8.21
C CYS A 28 -1.80 -2.27 9.45
N GLY A 29 -3.09 -2.61 9.35
CA GLY A 29 -4.06 -2.56 10.42
C GLY A 29 -5.35 -1.85 10.01
N LYS A 30 -6.33 -1.86 10.93
CA LYS A 30 -7.61 -1.19 10.78
C LYS A 30 -7.41 0.33 10.91
N GLY A 31 -7.51 1.05 9.78
CA GLY A 31 -7.32 2.50 9.68
C GLY A 31 -6.12 2.92 8.83
N GLN A 32 -5.39 1.97 8.21
CA GLN A 32 -4.25 2.24 7.34
C GLN A 32 -4.34 1.39 6.07
N LYS A 33 -3.47 1.68 5.08
CA LYS A 33 -3.35 0.93 3.84
C LYS A 33 -1.94 1.00 3.25
N CYS A 34 -1.59 0.01 2.41
CA CYS A 34 -0.31 -0.06 1.71
C CYS A 34 -0.29 0.94 0.54
N CYS A 35 0.90 1.42 0.18
CA CYS A 35 1.12 2.43 -0.85
C CYS A 35 2.40 2.12 -1.64
N VAL A 36 2.30 2.23 -2.97
CA VAL A 36 3.42 2.10 -3.93
C VAL A 36 4.37 3.32 -3.88
N TRP A 37 5.47 3.22 -4.62
CA TRP A 37 6.42 4.30 -4.88
C TRP A 37 6.54 4.59 -6.40
N LEU A 38 6.36 3.57 -7.24
CA LEU A 38 6.36 3.65 -8.70
C LEU A 38 5.68 2.40 -9.27
N HIS A 39 4.96 2.55 -10.40
CA HIS A 39 4.27 1.47 -11.10
C HIS A 39 5.26 0.46 -11.71
N LEU A 1 9.30 -4.72 8.25
CA LEU A 1 8.18 -4.01 7.59
C LEU A 1 7.13 -5.01 7.13
N THR A 2 5.86 -4.73 7.43
CA THR A 2 4.72 -5.65 7.28
C THR A 2 3.63 -5.10 6.35
N GLY A 3 3.50 -3.77 6.24
CA GLY A 3 2.41 -3.10 5.53
C GLY A 3 2.42 -3.35 4.01
N CYS A 4 3.58 -3.14 3.37
CA CYS A 4 3.85 -3.43 1.96
C CYS A 4 5.24 -4.10 1.84
N LYS A 5 5.66 -4.45 0.61
CA LYS A 5 7.01 -4.98 0.36
C LYS A 5 8.10 -3.93 0.58
N GLY A 6 7.77 -2.63 0.57
CA GLY A 6 8.67 -1.49 0.78
C GLY A 6 9.43 -1.08 -0.49
N LYS A 7 9.71 -2.04 -1.37
CA LYS A 7 10.43 -1.85 -2.64
C LYS A 7 9.43 -1.45 -3.74
N GLY A 8 8.52 -2.37 -4.11
CA GLY A 8 7.55 -2.18 -5.18
C GLY A 8 6.27 -1.46 -4.75
N GLY A 9 6.13 -1.09 -3.47
CA GLY A 9 5.01 -0.33 -2.95
C GLY A 9 5.26 0.12 -1.52
N GLU A 10 4.51 1.13 -1.07
CA GLU A 10 4.64 1.73 0.26
C GLU A 10 3.27 1.86 0.93
N CYS A 11 3.28 1.81 2.26
CA CYS A 11 2.11 1.89 3.11
C CYS A 11 1.76 3.36 3.34
N ASN A 12 0.70 3.84 2.68
CA ASN A 12 0.23 5.22 2.71
C ASN A 12 -1.28 5.31 2.99
N PRO A 13 -1.81 6.47 3.41
CA PRO A 13 -3.24 6.69 3.57
C PRO A 13 -3.98 6.69 2.22
N LEU A 14 -5.32 6.61 2.30
CA LEU A 14 -6.23 6.67 1.17
C LEU A 14 -6.13 8.02 0.43
N ASP A 15 -5.88 9.10 1.19
CA ASP A 15 -5.59 10.44 0.68
C ASP A 15 -4.11 10.58 0.28
N ARG A 16 -3.68 9.80 -0.72
CA ARG A 16 -2.35 9.87 -1.33
C ARG A 16 -2.40 9.69 -2.85
N GLN A 17 -1.33 10.14 -3.53
CA GLN A 17 -1.15 10.08 -4.98
C GLN A 17 -0.63 8.70 -5.44
N CYS A 18 -1.31 7.62 -5.04
CA CYS A 18 -1.14 6.26 -5.57
C CYS A 18 -2.51 5.62 -5.82
N LYS A 19 -2.48 4.50 -6.55
CA LYS A 19 -3.59 3.58 -6.76
C LYS A 19 -3.99 2.89 -5.43
N GLU A 20 -5.09 2.13 -5.46
CA GLU A 20 -5.61 1.33 -4.36
C GLU A 20 -5.74 -0.12 -4.82
N LEU A 21 -4.76 -0.94 -4.40
CA LEU A 21 -4.67 -2.38 -4.58
C LEU A 21 -5.79 -3.13 -3.83
N GLN A 22 -5.77 -4.47 -3.87
CA GLN A 22 -6.66 -5.34 -3.12
C GLN A 22 -5.91 -6.31 -2.21
N ALA A 23 -4.83 -6.94 -2.70
CA ALA A 23 -4.08 -7.96 -1.95
C ALA A 23 -3.08 -7.35 -0.96
N GLU A 24 -2.52 -6.18 -1.29
CA GLU A 24 -1.53 -5.45 -0.48
C GLU A 24 -2.18 -4.29 0.29
N SER A 25 -3.30 -3.77 -0.22
CA SER A 25 -4.22 -2.86 0.46
C SER A 25 -5.06 -3.56 1.56
N ALA A 26 -4.68 -4.79 1.94
CA ALA A 26 -5.29 -5.59 3.00
C ALA A 26 -4.28 -5.92 4.13
N SER A 27 -3.03 -5.42 4.04
CA SER A 27 -1.92 -5.82 4.91
C SER A 27 -1.41 -4.68 5.82
N CYS A 28 -1.72 -3.42 5.50
CA CYS A 28 -1.34 -2.25 6.30
C CYS A 28 -2.22 -2.03 7.55
N GLY A 29 -3.40 -2.66 7.63
CA GLY A 29 -4.38 -2.46 8.70
C GLY A 29 -5.69 -1.92 8.15
N LYS A 30 -6.15 -0.77 8.68
CA LYS A 30 -7.35 -0.06 8.25
C LYS A 30 -7.01 1.43 8.02
N GLY A 31 -7.82 2.10 7.17
CA GLY A 31 -7.61 3.49 6.77
C GLY A 31 -6.43 3.69 5.82
N GLN A 32 -6.10 2.66 5.03
CA GLN A 32 -4.82 2.50 4.31
C GLN A 32 -5.02 2.02 2.87
N LYS A 33 -3.94 2.11 2.08
CA LYS A 33 -3.76 1.44 0.80
C LYS A 33 -2.26 1.29 0.47
N CYS A 34 -1.95 0.67 -0.69
CA CYS A 34 -0.61 0.56 -1.24
C CYS A 34 -0.60 0.87 -2.74
N CYS A 35 0.58 1.22 -3.28
CA CYS A 35 0.81 1.58 -4.68
C CYS A 35 0.94 0.33 -5.58
N VAL A 36 0.93 0.52 -6.91
CA VAL A 36 1.24 -0.52 -7.91
C VAL A 36 2.74 -0.82 -7.95
N TRP A 37 3.13 -1.88 -8.69
CA TRP A 37 4.49 -2.42 -8.78
C TRP A 37 5.54 -1.37 -9.16
N LEU A 38 5.30 -0.67 -10.27
CA LEU A 38 6.12 0.44 -10.76
C LEU A 38 5.78 1.74 -10.00
N HIS A 39 6.71 2.70 -10.03
CA HIS A 39 6.48 4.04 -9.50
C HIS A 39 5.63 4.85 -10.46
N LEU A 1 11.28 -9.12 -5.11
CA LEU A 1 11.90 -7.82 -5.44
C LEU A 1 10.90 -6.66 -5.53
N THR A 2 9.63 -6.92 -5.90
CA THR A 2 8.61 -5.91 -6.22
C THR A 2 7.43 -5.93 -5.22
N GLY A 3 6.69 -4.81 -5.16
CA GLY A 3 5.52 -4.62 -4.32
C GLY A 3 5.88 -4.33 -2.87
N CYS A 4 5.02 -3.57 -2.20
CA CYS A 4 5.15 -3.22 -0.77
C CYS A 4 5.24 -4.45 0.15
N LYS A 5 4.60 -5.56 -0.24
CA LYS A 5 4.64 -6.87 0.41
C LYS A 5 6.06 -7.45 0.62
N GLY A 6 7.03 -7.01 -0.20
CA GLY A 6 8.43 -7.40 -0.16
C GLY A 6 9.37 -6.20 -0.16
N LYS A 7 8.93 -5.06 0.40
CA LYS A 7 9.66 -3.78 0.50
C LYS A 7 10.09 -3.19 -0.85
N GLY A 8 9.52 -3.68 -1.96
CA GLY A 8 9.67 -3.14 -3.32
C GLY A 8 8.90 -1.84 -3.57
N GLY A 9 8.48 -1.15 -2.49
CA GLY A 9 7.78 0.13 -2.52
C GLY A 9 7.62 0.71 -1.12
N GLU A 10 6.82 1.77 -1.03
CA GLU A 10 6.46 2.44 0.23
C GLU A 10 4.93 2.57 0.39
N CYS A 11 4.54 2.66 1.66
CA CYS A 11 3.16 2.68 2.12
C CYS A 11 2.80 4.10 2.55
N ASN A 12 1.63 4.54 2.07
CA ASN A 12 1.14 5.92 2.14
C ASN A 12 -0.35 5.92 2.53
N PRO A 13 -0.90 7.07 2.97
CA PRO A 13 -2.33 7.19 3.27
C PRO A 13 -3.16 7.08 1.98
N LEU A 14 -4.46 6.80 2.15
CA LEU A 14 -5.44 6.75 1.06
C LEU A 14 -5.61 8.11 0.40
N ASP A 15 -5.47 9.18 1.21
CA ASP A 15 -5.50 10.59 0.78
C ASP A 15 -4.36 10.97 -0.19
N ARG A 16 -3.30 10.14 -0.32
CA ARG A 16 -2.20 10.37 -1.26
C ARG A 16 -2.66 10.16 -2.69
N GLN A 17 -2.13 10.97 -3.63
CA GLN A 17 -2.35 10.80 -5.08
C GLN A 17 -1.41 9.75 -5.71
N CYS A 18 -0.81 8.85 -4.91
CA CYS A 18 -0.25 7.60 -5.40
C CYS A 18 -1.35 6.68 -5.97
N LYS A 19 -0.94 5.61 -6.67
CA LYS A 19 -1.80 4.54 -7.13
C LYS A 19 -2.38 3.73 -5.95
N GLU A 20 -3.32 2.82 -6.24
CA GLU A 20 -3.95 1.91 -5.30
C GLU A 20 -4.05 0.52 -5.93
N LEU A 21 -3.10 -0.35 -5.56
CA LEU A 21 -3.02 -1.76 -5.97
C LEU A 21 -4.18 -2.58 -5.37
N GLN A 22 -4.24 -3.89 -5.70
CA GLN A 22 -5.30 -4.80 -5.22
C GLN A 22 -4.80 -5.87 -4.26
N ALA A 23 -3.49 -6.13 -4.25
CA ALA A 23 -2.85 -7.13 -3.41
C ALA A 23 -1.72 -6.55 -2.53
N GLU A 24 -1.21 -5.35 -2.86
CA GLU A 24 -0.24 -4.61 -2.05
C GLU A 24 -0.90 -3.47 -1.25
N SER A 25 -2.12 -3.05 -1.60
CA SER A 25 -2.82 -1.98 -0.89
C SER A 25 -3.18 -2.39 0.54
N ALA A 26 -3.81 -3.57 0.71
CA ALA A 26 -4.11 -4.15 2.02
C ALA A 26 -2.85 -4.61 2.78
N SER A 27 -1.72 -4.84 2.07
CA SER A 27 -0.44 -5.19 2.68
C SER A 27 0.16 -4.02 3.48
N CYS A 28 -0.17 -2.77 3.11
CA CYS A 28 0.25 -1.57 3.82
C CYS A 28 -0.50 -1.33 5.14
N GLY A 29 -1.59 -2.07 5.38
CA GLY A 29 -2.36 -2.05 6.63
C GLY A 29 -3.74 -1.42 6.46
N LYS A 30 -4.53 -1.49 7.55
CA LYS A 30 -5.88 -0.96 7.65
C LYS A 30 -5.84 0.58 7.56
N GLY A 31 -6.39 1.13 6.47
CA GLY A 31 -6.44 2.57 6.22
C GLY A 31 -5.27 3.11 5.39
N GLN A 32 -4.47 2.25 4.75
CA GLN A 32 -3.34 2.61 3.88
C GLN A 32 -3.41 1.90 2.53
N LYS A 33 -2.52 2.32 1.62
CA LYS A 33 -2.33 1.76 0.28
C LYS A 33 -0.86 1.85 -0.15
N CYS A 34 -0.51 1.14 -1.23
CA CYS A 34 0.84 1.08 -1.80
C CYS A 34 0.92 1.95 -3.06
N CYS A 35 2.05 2.64 -3.25
CA CYS A 35 2.37 3.38 -4.48
C CYS A 35 2.85 2.42 -5.58
N VAL A 36 3.16 2.98 -6.77
CA VAL A 36 3.69 2.30 -7.96
C VAL A 36 5.07 1.64 -7.71
N TRP A 37 5.57 0.93 -8.73
CA TRP A 37 6.83 0.18 -8.70
C TRP A 37 7.73 0.44 -9.92
N LEU A 38 7.23 1.12 -10.97
CA LEU A 38 8.02 1.49 -12.16
C LEU A 38 7.56 2.80 -12.81
N HIS A 39 6.25 3.08 -12.84
CA HIS A 39 5.67 4.24 -13.52
C HIS A 39 4.46 4.77 -12.72
#